data_2BBV
#
_entry.id   2BBV
#
_cell.length_a   362.000
_cell.length_b   362.000
_cell.length_c   362.000
_cell.angle_alpha   90.00
_cell.angle_beta   90.00
_cell.angle_gamma   90.00
#
_symmetry.space_group_name_H-M   'P 42 3 2'
#
loop_
_entity.id
_entity.type
_entity.pdbx_description
1 polymer "RNA (5'-R(*UP*CP*UP*UP*AP*UP*AP*UP*CP*U)-3')"
2 polymer 'PROTEIN (BLACK BEETLE VIRUS CAPSID PROTEIN)'
3 polymer 'PROTEIN (BLACK BEETLE VIRUS CAPSID PROTEIN)'
4 non-polymer 'CALCIUM ION'
5 water water
#
loop_
_entity_poly.entity_id
_entity_poly.type
_entity_poly.pdbx_seq_one_letter_code
_entity_poly.pdbx_strand_id
1 'polyribonucleotide' UCUUAUAUCU N
2 'polypeptide(L)'
;MVRNNNRRRQRTQRIVTTTTQTAPVPQQNVPKQPRRRRNRARRNRRQGRAMNMGALTRLSQPGLAFLKCAFAPPDFNTDP
GKGIPDRFEGKVVTRKDVLNQSINFTANRDTFILIAPTPGVAYWVADVPAGTFPISTTTFNAVNFPGFNSMFGNAAASRS
DQVSSFRYASMNVGIYPTSNLMQFAGSITVWKCPVKLSNVQFPVATTPATSALVHTLVGLDGVLAVGPDNFSESFIKGVF
SQSVCNEPDFEFSDILEGIQTLPPANVTVATSGQPFNLAAGAEAVSGIVGWGNMDTIVIRVSAPTGAVNSAILKTWACLE
YRPNPNAMLYQFGHDSPPCDEVALQEYRTVARSLPVAVIAAQN
;
A,B,C
3 'polypeptide(L)' ASMWERVKSIIKSSLAMASNVPGPIGIAASGLSGLSALFEGFGF D,E,F
#
# COMPACT_ATOMS: atom_id res chain seq x y z
N LEU B 56 1.91 -34.84 5.05
CA LEU B 56 1.26 -33.55 5.34
C LEU B 56 0.05 -33.33 4.43
N THR B 57 -0.24 -34.38 3.68
CA THR B 57 -1.34 -34.41 2.69
C THR B 57 -2.65 -33.82 3.24
N ARG B 58 -2.50 -32.61 3.75
CA ARG B 58 -3.59 -31.76 4.24
C ARG B 58 -3.27 -30.40 3.67
N LEU B 59 -2.03 -30.41 3.20
CA LEU B 59 -1.36 -29.31 2.54
C LEU B 59 -1.41 -29.53 1.05
N SER B 60 -1.25 -28.45 0.33
CA SER B 60 -1.25 -28.47 -1.12
C SER B 60 0.18 -28.54 -1.62
N GLN B 61 0.31 -29.23 -2.74
CA GLN B 61 1.60 -29.42 -3.41
C GLN B 61 2.34 -28.08 -3.49
N PRO B 62 1.78 -27.08 -4.18
CA PRO B 62 2.42 -25.78 -4.33
C PRO B 62 2.65 -25.12 -2.98
N GLY B 63 1.81 -25.48 -2.03
CA GLY B 63 1.85 -24.92 -0.68
C GLY B 63 3.10 -25.41 0.08
N LEU B 64 3.41 -26.67 -0.17
CA LEU B 64 4.54 -27.35 0.47
C LEU B 64 5.88 -26.80 -0.02
N ALA B 65 5.93 -26.55 -1.31
CA ALA B 65 7.14 -26.00 -1.95
C ALA B 65 7.45 -24.62 -1.37
N PHE B 66 6.41 -23.83 -1.31
CA PHE B 66 6.45 -22.47 -0.79
C PHE B 66 7.24 -22.45 0.53
N LEU B 67 6.95 -23.45 1.35
CA LEU B 67 7.58 -23.62 2.67
C LEU B 67 9.05 -24.04 2.52
N LYS B 68 9.28 -24.89 1.52
CA LYS B 68 10.61 -25.46 1.24
C LYS B 68 11.60 -24.38 0.79
N CYS B 69 11.16 -23.53 -0.13
CA CYS B 69 12.04 -22.47 -0.63
C CYS B 69 12.22 -21.39 0.43
N ALA B 70 11.17 -21.17 1.15
CA ALA B 70 11.12 -20.15 2.19
C ALA B 70 12.09 -20.44 3.34
N PHE B 71 12.30 -21.71 3.65
CA PHE B 71 13.11 -22.05 4.83
C PHE B 71 14.32 -22.99 4.58
N ALA B 72 14.21 -23.92 3.65
CA ALA B 72 15.34 -24.88 3.44
C ALA B 72 15.76 -24.91 1.98
N PRO B 73 16.25 -23.80 1.42
CA PRO B 73 16.68 -23.76 0.04
C PRO B 73 17.81 -24.73 -0.21
N PRO B 74 18.91 -24.68 0.56
CA PRO B 74 20.07 -25.53 0.35
C PRO B 74 19.85 -27.04 0.53
N ASP B 75 18.64 -27.47 0.91
CA ASP B 75 18.39 -28.90 1.23
C ASP B 75 17.89 -29.77 0.05
N PHE B 76 17.39 -29.14 -1.00
CA PHE B 76 16.86 -29.87 -2.19
C PHE B 76 17.85 -29.72 -3.31
N ASN B 77 17.96 -30.75 -4.13
CA ASN B 77 18.88 -30.80 -5.28
C ASN B 77 18.41 -29.87 -6.38
N THR B 78 17.32 -29.18 -6.09
CA THR B 78 16.70 -28.22 -7.04
C THR B 78 15.54 -27.47 -6.37
N ASP B 79 15.61 -26.15 -6.44
CA ASP B 79 14.68 -25.20 -5.88
C ASP B 79 13.24 -25.58 -6.24
N PRO B 80 12.58 -26.13 -5.24
CA PRO B 80 11.18 -26.59 -5.36
C PRO B 80 10.20 -25.44 -5.43
N GLY B 81 10.62 -24.31 -4.87
CA GLY B 81 9.77 -23.10 -4.85
C GLY B 81 9.11 -22.87 -6.22
N LYS B 82 7.81 -22.63 -6.19
CA LYS B 82 7.01 -22.35 -7.37
C LYS B 82 5.96 -21.26 -7.20
N GLY B 83 6.24 -20.22 -6.44
CA GLY B 83 5.30 -19.09 -6.25
C GLY B 83 4.65 -19.11 -4.88
N ILE B 84 3.94 -18.03 -4.58
CA ILE B 84 3.24 -17.85 -3.30
C ILE B 84 1.80 -18.33 -3.37
N PRO B 85 1.41 -19.19 -2.44
CA PRO B 85 0.06 -19.76 -2.36
C PRO B 85 -0.98 -18.93 -1.63
N ASP B 86 -1.24 -17.74 -2.11
CA ASP B 86 -2.18 -16.78 -1.53
C ASP B 86 -3.26 -16.48 -2.56
N ARG B 87 -4.20 -15.63 -2.21
CA ARG B 87 -5.29 -15.29 -3.11
C ARG B 87 -4.92 -14.84 -4.50
N PHE B 88 -3.91 -14.04 -4.70
CA PHE B 88 -3.50 -13.57 -6.04
C PHE B 88 -3.19 -14.81 -6.87
N GLU B 89 -3.69 -14.80 -8.09
CA GLU B 89 -3.46 -15.88 -9.04
C GLU B 89 -3.19 -15.41 -10.45
N GLY B 90 -2.69 -14.21 -10.64
CA GLY B 90 -2.41 -13.62 -11.95
C GLY B 90 -1.08 -14.05 -12.53
N LYS B 91 -0.76 -13.50 -13.69
CA LYS B 91 0.49 -13.81 -14.38
C LYS B 91 1.68 -13.41 -13.52
N VAL B 92 2.72 -14.21 -13.69
CA VAL B 92 3.95 -14.03 -12.88
C VAL B 92 5.06 -14.92 -13.41
N VAL B 93 6.29 -14.45 -13.32
CA VAL B 93 7.46 -15.28 -13.67
C VAL B 93 8.15 -15.36 -12.28
N THR B 94 8.69 -16.51 -11.95
CA THR B 94 9.37 -16.64 -10.63
C THR B 94 10.86 -16.62 -10.95
N ARG B 95 11.60 -15.94 -10.10
CA ARG B 95 13.06 -15.80 -10.29
C ARG B 95 13.67 -16.43 -9.03
N LYS B 96 14.64 -17.26 -9.30
CA LYS B 96 15.32 -17.92 -8.13
C LYS B 96 16.77 -17.48 -8.22
N ASP B 97 17.02 -16.39 -7.54
CA ASP B 97 18.30 -15.72 -7.47
C ASP B 97 19.24 -16.44 -6.51
N VAL B 98 20.40 -16.81 -7.00
CA VAL B 98 21.42 -17.46 -6.17
C VAL B 98 22.77 -16.82 -6.54
N LEU B 99 23.50 -16.48 -5.52
CA LEU B 99 24.82 -15.91 -5.56
C LEU B 99 25.73 -16.78 -4.65
N ASN B 100 26.86 -17.13 -5.22
CA ASN B 100 27.94 -17.89 -4.55
C ASN B 100 29.18 -17.02 -4.63
N GLN B 101 29.82 -16.74 -3.53
CA GLN B 101 30.98 -15.88 -3.63
C GLN B 101 32.01 -16.10 -2.53
N SER B 102 33.17 -16.47 -3.01
CA SER B 102 34.35 -16.61 -2.17
C SER B 102 34.61 -15.23 -1.60
N ILE B 103 34.95 -15.16 -0.35
CA ILE B 103 35.13 -13.87 0.28
C ILE B 103 36.21 -13.97 1.32
N ASN B 104 37.13 -13.02 1.30
CA ASN B 104 38.22 -13.02 2.28
C ASN B 104 37.96 -11.87 3.26
N PHE B 105 37.55 -12.16 4.46
CA PHE B 105 37.30 -11.05 5.40
C PHE B 105 38.64 -10.45 5.82
N THR B 106 38.69 -9.11 5.64
CA THR B 106 39.89 -8.36 6.01
C THR B 106 40.06 -8.47 7.53
N ALA B 107 41.30 -8.69 7.92
CA ALA B 107 41.63 -8.83 9.34
C ALA B 107 41.62 -7.48 10.04
N ASN B 108 41.40 -7.54 11.35
CA ASN B 108 41.37 -6.33 12.17
C ASN B 108 40.29 -5.36 11.72
N ARG B 109 39.22 -5.91 11.18
CA ARG B 109 38.06 -5.14 10.72
C ARG B 109 36.78 -5.93 10.96
N ASP B 110 35.71 -5.19 11.21
CA ASP B 110 34.36 -5.77 11.34
C ASP B 110 33.67 -5.50 9.98
N THR B 111 33.32 -6.59 9.34
CA THR B 111 32.66 -6.57 8.03
C THR B 111 31.15 -6.73 8.28
N PHE B 112 30.41 -5.80 7.73
CA PHE B 112 28.96 -5.84 7.86
C PHE B 112 28.31 -6.18 6.53
N ILE B 113 27.55 -7.26 6.53
CA ILE B 113 26.81 -7.69 5.33
C ILE B 113 25.32 -7.43 5.62
N LEU B 114 24.59 -7.08 4.60
CA LEU B 114 23.17 -6.79 4.72
C LEU B 114 22.41 -7.55 3.60
N ILE B 115 21.52 -8.41 4.02
CA ILE B 115 20.70 -9.12 3.01
C ILE B 115 19.37 -8.38 3.11
N ALA B 116 19.18 -7.45 2.19
CA ALA B 116 17.95 -6.61 2.16
C ALA B 116 17.10 -6.98 0.95
N PRO B 117 15.80 -6.74 0.98
CA PRO B 117 14.90 -7.05 -0.13
C PRO B 117 14.90 -6.09 -1.30
N THR B 118 16.09 -5.85 -1.83
CA THR B 118 16.29 -4.99 -3.01
C THR B 118 16.50 -5.91 -4.21
N PRO B 119 15.50 -6.07 -5.05
CA PRO B 119 15.61 -6.96 -6.22
C PRO B 119 16.87 -6.72 -7.03
N GLY B 120 17.53 -7.82 -7.34
CA GLY B 120 18.72 -7.83 -8.17
C GLY B 120 20.05 -7.86 -7.49
N VAL B 121 20.19 -7.20 -6.32
CA VAL B 121 21.52 -7.23 -5.66
C VAL B 121 21.46 -8.23 -4.52
N ALA B 122 22.39 -9.14 -4.44
CA ALA B 122 22.50 -10.16 -3.42
C ALA B 122 22.74 -9.58 -2.03
N TYR B 123 23.69 -8.65 -1.90
CA TYR B 123 23.93 -8.10 -0.55
C TYR B 123 24.73 -6.79 -0.67
N TRP B 124 24.82 -6.13 0.46
CA TRP B 124 25.56 -4.86 0.60
C TRP B 124 26.63 -5.05 1.69
N VAL B 125 27.86 -4.67 1.36
CA VAL B 125 29.00 -4.83 2.27
C VAL B 125 29.66 -3.49 2.61
N ALA B 126 30.43 -3.59 3.67
CA ALA B 126 31.20 -2.50 4.24
C ALA B 126 31.87 -2.98 5.52
N ASP B 127 33.06 -2.49 5.76
CA ASP B 127 33.80 -2.84 6.97
C ASP B 127 34.28 -1.57 7.67
N VAL B 128 34.55 -1.78 8.93
CA VAL B 128 34.98 -0.71 9.81
C VAL B 128 35.98 -1.26 10.82
N PRO B 129 36.61 -0.32 11.52
CA PRO B 129 37.55 -0.67 12.58
C PRO B 129 36.87 -1.64 13.56
N ALA B 130 37.55 -2.70 13.88
CA ALA B 130 37.09 -3.74 14.81
C ALA B 130 36.59 -3.14 16.12
N GLY B 131 35.42 -3.61 16.48
CA GLY B 131 34.75 -3.13 17.70
C GLY B 131 34.13 -1.77 17.38
N THR B 132 33.84 -1.53 16.11
CA THR B 132 33.23 -0.27 15.69
C THR B 132 32.06 -0.62 14.75
N PHE B 133 31.07 0.25 14.70
CA PHE B 133 29.87 0.14 13.87
C PHE B 133 29.97 1.15 12.75
N PRO B 134 29.09 1.06 11.77
CA PRO B 134 29.13 2.00 10.65
C PRO B 134 28.83 3.41 11.09
N ILE B 135 29.66 4.34 10.65
CA ILE B 135 29.49 5.77 10.94
C ILE B 135 28.90 6.45 9.69
N SER B 136 28.44 7.65 9.95
CA SER B 136 27.82 8.56 8.99
C SER B 136 28.55 8.60 7.65
N THR B 137 29.85 8.39 7.67
CA THR B 137 30.61 8.47 6.42
C THR B 137 30.79 7.12 5.75
N THR B 138 30.23 6.07 6.29
CA THR B 138 30.31 4.70 5.76
C THR B 138 29.50 4.58 4.47
N THR B 139 29.93 3.62 3.64
CA THR B 139 29.20 3.37 2.41
C THR B 139 29.08 1.89 2.06
N PHE B 140 27.86 1.38 2.20
CA PHE B 140 27.61 -0.03 1.84
C PHE B 140 27.49 -0.07 0.32
N ASN B 141 28.23 -1.00 -0.24
CA ASN B 141 28.31 -1.23 -1.68
C ASN B 141 27.54 -2.49 -2.06
N ALA B 142 26.85 -2.37 -3.17
CA ALA B 142 26.02 -3.45 -3.71
C ALA B 142 26.81 -4.57 -4.37
N VAL B 143 26.36 -5.79 -4.22
CA VAL B 143 26.95 -6.99 -4.86
C VAL B 143 25.72 -7.67 -5.49
N ASN B 144 25.70 -7.71 -6.80
CA ASN B 144 24.57 -8.25 -7.53
C ASN B 144 24.54 -9.76 -7.67
N PHE B 145 23.32 -10.20 -7.91
CA PHE B 145 23.02 -11.58 -8.24
C PHE B 145 23.35 -11.71 -9.71
N PRO B 146 23.76 -12.85 -10.23
CA PRO B 146 24.09 -12.93 -11.64
C PRO B 146 22.89 -12.61 -12.53
N GLY B 147 23.18 -11.83 -13.59
CA GLY B 147 22.19 -11.48 -14.67
C GLY B 147 21.29 -10.26 -14.37
N PHE B 148 21.83 -9.27 -13.69
CA PHE B 148 21.07 -8.05 -13.32
C PHE B 148 20.69 -7.23 -14.57
N ASN B 149 21.69 -6.91 -15.37
CA ASN B 149 21.48 -6.11 -16.59
C ASN B 149 20.38 -6.75 -17.44
N SER B 150 20.27 -8.07 -17.36
CA SER B 150 19.26 -8.77 -18.16
C SER B 150 17.88 -8.57 -17.58
N MET B 151 17.81 -8.26 -16.30
CA MET B 151 16.50 -8.08 -15.65
C MET B 151 16.21 -6.59 -15.56
N PHE B 152 17.22 -5.75 -15.35
CA PHE B 152 16.94 -4.31 -15.14
C PHE B 152 17.62 -3.29 -16.02
N GLY B 153 18.33 -3.74 -17.03
CA GLY B 153 18.95 -2.78 -17.96
C GLY B 153 20.26 -2.21 -17.47
N ASN B 154 20.64 -1.12 -18.12
CA ASN B 154 21.89 -0.44 -17.77
C ASN B 154 21.68 1.07 -17.73
N ALA B 155 20.48 1.43 -17.32
CA ALA B 155 20.10 2.85 -17.21
C ALA B 155 19.13 3.02 -16.06
N ALA B 156 19.35 4.10 -15.32
CA ALA B 156 18.54 4.41 -14.15
C ALA B 156 17.07 4.60 -14.42
N ALA B 157 16.59 4.90 -15.62
CA ALA B 157 15.12 5.05 -15.75
C ALA B 157 14.61 4.02 -16.74
N SER B 158 15.28 2.89 -16.77
CA SER B 158 14.89 1.80 -17.67
C SER B 158 14.80 0.50 -16.90
N ARG B 159 14.32 0.62 -15.68
CA ARG B 159 14.21 -0.56 -14.79
C ARG B 159 12.94 -1.32 -15.00
N SER B 160 11.88 -0.77 -15.53
CA SER B 160 10.66 -1.58 -15.71
C SER B 160 10.39 -2.03 -17.11
N ASP B 161 11.37 -2.08 -18.02
CA ASP B 161 11.02 -2.54 -19.38
C ASP B 161 10.63 -4.02 -19.32
N GLN B 162 11.36 -4.76 -18.51
CA GLN B 162 11.13 -6.22 -18.38
C GLN B 162 10.03 -6.55 -17.37
N VAL B 163 10.11 -5.90 -16.23
CA VAL B 163 9.22 -6.16 -15.09
C VAL B 163 8.68 -4.84 -14.52
N SER B 164 7.45 -4.87 -14.03
CA SER B 164 6.79 -3.68 -13.46
C SER B 164 6.65 -3.78 -11.94
N SER B 165 6.45 -5.00 -11.47
CA SER B 165 6.24 -5.24 -10.04
C SER B 165 6.88 -6.51 -9.56
N PHE B 166 6.90 -6.73 -8.26
CA PHE B 166 7.50 -7.96 -7.70
C PHE B 166 7.10 -8.14 -6.26
N ARG B 167 7.11 -9.34 -5.77
CA ARG B 167 6.83 -9.68 -4.37
C ARG B 167 7.86 -10.78 -4.00
N TYR B 168 8.39 -10.70 -2.81
CA TYR B 168 9.37 -11.64 -2.29
C TYR B 168 8.71 -12.88 -1.66
N ALA B 169 9.18 -14.00 -2.12
CA ALA B 169 8.68 -15.28 -1.58
C ALA B 169 9.66 -15.75 -0.50
N SER B 170 10.93 -15.43 -0.73
CA SER B 170 12.01 -15.80 0.20
C SER B 170 13.30 -15.00 0.00
N MET B 171 14.12 -15.17 1.03
CA MET B 171 15.43 -14.49 1.14
C MET B 171 16.20 -15.16 2.28
N ASN B 172 17.18 -15.95 1.91
CA ASN B 172 18.03 -16.69 2.87
C ASN B 172 19.48 -16.33 2.61
N VAL B 173 20.31 -16.55 3.60
CA VAL B 173 21.75 -16.30 3.53
C VAL B 173 22.52 -17.44 4.18
N GLY B 174 23.72 -17.64 3.67
CA GLY B 174 24.60 -18.67 4.18
C GLY B 174 26.09 -18.36 4.05
N ILE B 175 26.84 -18.60 5.12
CA ILE B 175 28.28 -18.43 5.21
C ILE B 175 28.90 -19.79 5.56
N TYR B 176 29.68 -20.30 4.65
CA TYR B 176 30.37 -21.59 4.77
C TYR B 176 31.88 -21.38 4.74
N PRO B 177 32.45 -21.20 5.92
CA PRO B 177 33.88 -20.97 6.06
C PRO B 177 34.70 -22.07 5.36
N THR B 178 35.82 -21.58 4.83
CA THR B 178 36.79 -22.42 4.14
C THR B 178 38.21 -22.24 4.67
N SER B 179 38.38 -21.50 5.74
CA SER B 179 39.70 -21.34 6.37
C SER B 179 39.98 -22.70 7.05
N ASN B 180 41.21 -22.87 7.44
CA ASN B 180 41.63 -24.09 8.17
C ASN B 180 41.59 -23.76 9.69
N LEU B 181 41.48 -24.82 10.49
CA LEU B 181 41.29 -24.72 11.96
C LEU B 181 42.52 -24.23 12.74
N MET B 182 43.35 -23.41 12.11
CA MET B 182 44.54 -22.84 12.79
C MET B 182 44.75 -21.37 12.42
N GLN B 183 44.20 -20.98 11.27
CA GLN B 183 44.34 -19.58 10.82
C GLN B 183 43.13 -18.72 11.24
N PHE B 184 41.92 -19.28 11.16
CA PHE B 184 40.68 -18.51 11.49
C PHE B 184 40.68 -18.00 12.95
N ALA B 185 39.82 -17.00 13.17
CA ALA B 185 39.62 -16.34 14.48
C ALA B 185 38.49 -15.33 14.37
N GLY B 186 37.67 -15.30 15.39
CA GLY B 186 36.54 -14.33 15.31
C GLY B 186 35.20 -15.06 15.31
N SER B 187 34.19 -14.26 14.99
CA SER B 187 32.82 -14.75 15.01
C SER B 187 31.88 -14.16 13.97
N ILE B 188 30.68 -14.70 13.99
CA ILE B 188 29.54 -14.33 13.19
C ILE B 188 28.39 -13.95 14.14
N THR B 189 27.76 -12.85 13.76
CA THR B 189 26.64 -12.33 14.54
C THR B 189 25.51 -11.87 13.61
N VAL B 190 24.36 -12.48 13.85
CA VAL B 190 23.20 -12.15 13.01
C VAL B 190 22.06 -11.58 13.82
N TRP B 191 21.43 -10.64 13.17
CA TRP B 191 20.27 -9.90 13.75
C TRP B 191 19.45 -9.39 12.56
N LYS B 192 18.13 -9.40 12.70
CA LYS B 192 17.29 -8.92 11.58
C LYS B 192 16.75 -7.55 11.96
N CYS B 193 16.55 -6.68 10.98
CA CYS B 193 16.03 -5.33 11.25
C CYS B 193 14.88 -5.06 10.28
N PRO B 194 13.91 -4.30 10.71
CA PRO B 194 12.78 -3.92 9.87
C PRO B 194 12.99 -2.56 9.21
N VAL B 195 13.92 -2.51 8.27
CA VAL B 195 14.16 -1.23 7.57
C VAL B 195 13.13 -1.16 6.43
N LYS B 196 12.57 0.01 6.26
CA LYS B 196 11.59 0.25 5.19
C LYS B 196 11.98 1.50 4.41
N LEU B 197 11.52 1.58 3.18
CA LEU B 197 11.81 2.71 2.30
C LEU B 197 10.65 3.71 2.46
N SER B 198 10.96 4.79 3.10
CA SER B 198 10.09 5.92 3.45
C SER B 198 10.55 7.16 2.72
N ASN B 199 10.11 8.32 3.16
CA ASN B 199 10.52 9.57 2.47
C ASN B 199 10.84 10.61 3.54
N VAL B 200 11.58 11.60 3.11
CA VAL B 200 12.05 12.75 3.91
C VAL B 200 11.57 14.01 3.18
N GLN B 201 11.07 14.95 3.94
CA GLN B 201 10.60 16.24 3.39
C GLN B 201 11.44 17.33 4.03
N PHE B 202 11.97 18.19 3.18
CA PHE B 202 12.80 19.32 3.65
C PHE B 202 12.82 20.48 2.69
N PRO B 203 12.55 21.69 3.18
CA PRO B 203 12.60 22.87 2.37
C PRO B 203 14.00 23.14 1.92
N VAL B 204 14.20 23.19 0.61
CA VAL B 204 15.50 23.59 0.07
C VAL B 204 15.45 25.11 -0.03
N ALA B 205 16.42 25.71 -0.68
CA ALA B 205 16.45 27.18 -0.76
C ALA B 205 16.43 27.69 -2.20
N THR B 206 16.11 26.81 -3.13
CA THR B 206 16.01 27.23 -4.53
C THR B 206 15.23 28.58 -4.52
N THR B 207 15.40 29.38 -5.57
CA THR B 207 14.78 30.75 -5.67
C THR B 207 13.27 30.72 -5.55
N PRO B 208 12.52 30.13 -6.49
CA PRO B 208 11.09 30.10 -6.36
C PRO B 208 10.79 29.47 -5.04
N ALA B 209 11.88 28.95 -4.49
CA ALA B 209 11.93 28.28 -3.18
C ALA B 209 10.91 27.13 -3.13
N THR B 210 11.44 25.93 -2.89
CA THR B 210 10.63 24.69 -2.86
C THR B 210 10.88 23.84 -1.60
N SER B 211 9.91 22.96 -1.40
CA SER B 211 9.90 21.93 -0.35
C SER B 211 10.20 20.60 -1.07
N ALA B 212 11.18 19.87 -0.56
CA ALA B 212 11.65 18.64 -1.25
C ALA B 212 11.21 17.35 -0.54
N LEU B 213 10.73 16.42 -1.34
CA LEU B 213 10.28 15.09 -0.91
C LEU B 213 11.18 14.06 -1.62
N VAL B 214 11.90 13.27 -0.86
CA VAL B 214 12.85 12.29 -1.44
C VAL B 214 12.93 11.00 -0.66
N HIS B 215 13.29 9.94 -1.34
CA HIS B 215 13.35 8.59 -0.74
C HIS B 215 14.35 8.54 0.40
N THR B 216 13.93 7.75 1.37
CA THR B 216 14.75 7.54 2.57
C THR B 216 14.45 6.21 3.23
N LEU B 217 15.53 5.60 3.69
CA LEU B 217 15.46 4.30 4.37
C LEU B 217 15.19 4.60 5.85
N VAL B 218 14.18 3.98 6.44
CA VAL B 218 13.89 4.20 7.89
C VAL B 218 14.16 2.87 8.61
N GLY B 219 14.95 2.91 9.66
CA GLY B 219 15.24 1.67 10.39
C GLY B 219 16.64 1.14 10.21
N LEU B 220 17.50 1.91 9.58
CA LEU B 220 18.90 1.55 9.37
C LEU B 220 19.74 1.81 10.62
N ASP B 221 19.13 2.44 11.61
CA ASP B 221 19.84 2.78 12.87
C ASP B 221 19.99 1.50 13.71
N GLY B 222 19.33 0.48 13.20
CA GLY B 222 19.29 -0.84 13.79
C GLY B 222 20.59 -1.55 13.49
N VAL B 223 21.27 -1.09 12.45
CA VAL B 223 22.55 -1.75 12.13
C VAL B 223 23.67 -1.32 13.09
N LEU B 224 23.41 -0.31 13.87
CA LEU B 224 24.34 0.31 14.81
C LEU B 224 24.55 -0.35 16.13
N ALA B 225 23.91 -1.46 16.40
CA ALA B 225 24.11 -2.19 17.67
C ALA B 225 23.74 -3.65 17.35
N VAL B 226 24.26 -4.51 18.19
CA VAL B 226 23.90 -5.95 17.97
C VAL B 226 22.46 -6.04 18.48
N GLY B 227 21.55 -6.59 17.71
CA GLY B 227 20.16 -6.65 18.26
C GLY B 227 20.11 -7.62 19.44
N PRO B 228 19.25 -7.29 20.41
CA PRO B 228 19.05 -8.16 21.56
C PRO B 228 18.75 -9.58 21.08
N ASP B 229 17.95 -9.70 20.04
CA ASP B 229 17.60 -11.07 19.49
C ASP B 229 18.70 -11.39 18.49
N ASN B 230 19.74 -12.12 18.80
CA ASN B 230 20.76 -12.34 17.72
C ASN B 230 21.37 -13.72 17.82
N PHE B 231 22.24 -14.00 16.87
CA PHE B 231 22.98 -15.28 16.81
C PHE B 231 24.45 -14.87 16.80
N SER B 232 25.25 -15.41 17.66
CA SER B 232 26.69 -15.10 17.77
C SER B 232 27.42 -16.42 17.95
N GLU B 233 28.56 -16.57 17.31
CA GLU B 233 29.27 -17.88 17.48
C GLU B 233 30.57 -17.83 16.74
N SER B 234 31.43 -18.83 16.88
CA SER B 234 32.74 -18.93 16.22
C SER B 234 32.53 -18.83 14.68
N PHE B 235 33.52 -18.23 14.04
CA PHE B 235 33.51 -18.00 12.56
C PHE B 235 33.49 -19.32 11.78
N ILE B 236 34.28 -20.26 12.28
CA ILE B 236 34.48 -21.58 11.65
C ILE B 236 33.26 -22.50 11.78
N LYS B 237 32.19 -21.97 12.34
CA LYS B 237 30.95 -22.74 12.53
C LYS B 237 29.93 -22.39 11.44
N GLY B 238 30.25 -21.30 10.74
CA GLY B 238 29.42 -20.80 9.64
C GLY B 238 28.04 -20.35 10.15
N VAL B 239 27.16 -20.08 9.20
CA VAL B 239 25.80 -19.64 9.50
C VAL B 239 24.90 -19.81 8.28
N PHE B 240 23.63 -19.95 8.57
CA PHE B 240 22.51 -20.09 7.64
C PHE B 240 21.33 -19.35 8.36
N SER B 241 20.82 -18.35 7.68
CA SER B 241 19.70 -17.58 8.25
C SER B 241 18.66 -17.32 7.16
N GLN B 242 17.46 -17.03 7.63
CA GLN B 242 16.36 -16.76 6.67
C GLN B 242 15.54 -15.61 7.23
N SER B 243 14.98 -14.89 6.28
CA SER B 243 14.10 -13.75 6.58
C SER B 243 12.66 -14.18 6.24
N VAL B 244 11.68 -13.46 6.76
CA VAL B 244 10.27 -13.80 6.51
C VAL B 244 9.50 -12.51 6.19
N CYS B 245 8.46 -12.67 5.41
CA CYS B 245 7.63 -11.50 5.03
C CYS B 245 7.31 -10.69 6.28
N ASN B 246 7.34 -9.36 6.20
CA ASN B 246 7.14 -8.54 7.40
C ASN B 246 5.83 -7.79 7.38
N GLU B 247 4.86 -8.41 6.78
CA GLU B 247 3.52 -7.86 6.71
C GLU B 247 2.50 -8.98 6.87
N PRO B 248 1.27 -8.65 7.21
CA PRO B 248 0.25 -9.64 7.44
C PRO B 248 0.03 -10.50 6.22
N ASP B 249 0.35 -9.97 5.06
CA ASP B 249 0.13 -10.67 3.78
C ASP B 249 1.30 -10.48 2.81
N PHE B 250 0.99 -10.73 1.54
CA PHE B 250 1.97 -10.67 0.45
C PHE B 250 1.50 -9.82 -0.73
N GLU B 251 1.67 -8.53 -0.58
CA GLU B 251 1.32 -7.59 -1.64
C GLU B 251 2.51 -7.32 -2.53
N PHE B 252 2.18 -6.97 -3.74
CA PHE B 252 3.18 -6.65 -4.75
C PHE B 252 3.71 -5.24 -4.52
N SER B 253 4.98 -5.10 -4.83
CA SER B 253 5.70 -3.83 -4.72
C SER B 253 6.13 -3.41 -6.11
N ASP B 254 6.19 -2.11 -6.32
CA ASP B 254 6.54 -1.56 -7.63
C ASP B 254 8.06 -1.42 -7.77
N ILE B 255 8.42 -1.38 -9.06
CA ILE B 255 9.82 -1.18 -9.48
C ILE B 255 9.99 0.34 -9.42
N LEU B 256 11.11 0.78 -8.89
CA LEU B 256 11.37 2.24 -8.78
C LEU B 256 12.37 2.72 -9.82
N GLU B 257 12.16 3.88 -10.40
CA GLU B 257 13.15 4.39 -11.39
C GLU B 257 14.12 5.42 -10.86
N GLY B 258 15.28 5.44 -11.47
CA GLY B 258 16.39 6.31 -11.24
C GLY B 258 17.03 6.35 -9.89
N ILE B 259 17.19 5.22 -9.21
CA ILE B 259 17.82 5.20 -7.87
C ILE B 259 19.13 4.41 -7.88
N GLN B 260 20.21 5.14 -7.59
CA GLN B 260 21.54 4.56 -7.52
C GLN B 260 22.14 4.62 -6.13
N THR B 261 21.80 5.67 -5.43
CA THR B 261 22.23 5.85 -4.06
C THR B 261 21.14 6.51 -3.24
N LEU B 262 21.01 5.90 -2.10
CA LEU B 262 20.11 6.28 -1.00
C LEU B 262 21.09 6.54 0.17
N PRO B 263 21.41 7.76 0.69
CA PRO B 263 20.80 9.03 0.31
C PRO B 263 20.91 9.35 -1.15
N PRO B 264 19.89 10.01 -1.74
CA PRO B 264 19.94 10.38 -3.14
C PRO B 264 21.11 11.27 -3.38
N ALA B 265 21.31 11.62 -4.63
CA ALA B 265 22.40 12.54 -4.97
C ALA B 265 21.95 13.96 -4.69
N ASN B 266 22.92 14.72 -4.29
CA ASN B 266 22.74 16.14 -3.98
C ASN B 266 21.85 16.29 -2.75
N VAL B 267 22.07 15.31 -1.84
CA VAL B 267 21.41 15.25 -0.50
C VAL B 267 22.35 14.70 0.56
N THR B 268 22.56 15.55 1.59
CA THR B 268 23.43 15.18 2.73
C THR B 268 22.81 14.03 3.48
N VAL B 269 23.70 13.17 3.93
CA VAL B 269 23.32 12.03 4.74
C VAL B 269 22.55 12.56 5.96
N ALA B 270 22.84 13.80 6.31
CA ALA B 270 22.24 14.45 7.50
C ALA B 270 20.78 14.85 7.29
N THR B 271 20.41 15.22 6.07
CA THR B 271 19.02 15.65 5.83
C THR B 271 18.13 14.44 5.54
N SER B 272 18.75 13.35 5.10
CA SER B 272 18.04 12.09 4.81
C SER B 272 17.61 11.44 6.12
N GLY B 273 18.42 11.66 7.13
CA GLY B 273 18.20 11.10 8.46
C GLY B 273 18.67 9.64 8.51
N GLN B 274 19.52 9.28 7.55
CA GLN B 274 20.10 7.93 7.47
C GLN B 274 21.46 7.89 8.16
N PRO B 275 21.77 6.82 8.90
CA PRO B 275 23.03 6.69 9.61
C PRO B 275 24.17 6.54 8.63
N PHE B 276 23.85 6.01 7.45
CA PHE B 276 24.88 5.84 6.42
C PHE B 276 24.30 5.89 5.01
N ASN B 277 25.12 5.42 4.10
CA ASN B 277 24.89 5.55 2.65
C ASN B 277 25.01 4.22 1.87
N LEU B 278 23.91 3.85 1.20
CA LEU B 278 23.83 2.65 0.33
C LEU B 278 24.06 3.08 -1.13
N ALA B 279 25.15 2.58 -1.74
CA ALA B 279 25.49 2.93 -3.14
C ALA B 279 25.45 1.70 -4.05
N ALA B 280 24.58 1.77 -5.02
CA ALA B 280 24.40 0.76 -6.06
C ALA B 280 25.57 0.95 -7.05
N GLY B 281 26.01 2.20 -7.15
CA GLY B 281 27.14 2.49 -8.05
C GLY B 281 26.69 2.96 -9.41
N ALA B 282 27.47 2.65 -10.41
CA ALA B 282 27.21 3.07 -11.78
C ALA B 282 25.97 2.41 -12.33
N GLU B 283 25.13 3.26 -12.89
CA GLU B 283 23.86 2.87 -13.49
C GLU B 283 23.92 1.73 -14.49
N ALA B 284 25.06 1.50 -15.13
CA ALA B 284 25.10 0.37 -16.08
C ALA B 284 25.51 -0.90 -15.33
N VAL B 285 25.79 -0.76 -14.06
CA VAL B 285 26.24 -1.90 -13.25
C VAL B 285 25.23 -2.50 -12.30
N SER B 286 24.55 -1.69 -11.53
CA SER B 286 23.54 -2.06 -10.54
C SER B 286 22.58 -0.88 -10.34
N GLY B 287 21.69 -1.02 -9.36
CA GLY B 287 20.71 0.07 -9.07
C GLY B 287 19.77 -0.43 -7.98
N ILE B 288 19.16 0.52 -7.27
CA ILE B 288 18.18 0.09 -6.20
C ILE B 288 16.81 0.12 -6.87
N VAL B 289 16.37 -1.03 -7.38
CA VAL B 289 15.10 -1.04 -8.12
C VAL B 289 13.85 -1.22 -7.30
N GLY B 290 13.95 -1.37 -6.00
CA GLY B 290 12.75 -1.54 -5.14
C GLY B 290 13.10 -1.99 -3.74
N TRP B 291 12.16 -1.85 -2.81
CA TRP B 291 12.33 -2.27 -1.42
C TRP B 291 11.23 -3.23 -0.99
N GLY B 292 11.56 -4.51 -0.83
CA GLY B 292 10.59 -5.55 -0.49
C GLY B 292 10.12 -5.51 0.94
N ASN B 293 9.24 -6.45 1.27
CA ASN B 293 8.68 -6.54 2.63
C ASN B 293 9.28 -7.66 3.46
N MET B 294 10.59 -7.68 3.59
CA MET B 294 11.27 -8.73 4.39
C MET B 294 12.21 -7.99 5.32
N ASP B 295 12.57 -8.54 6.44
CA ASP B 295 13.49 -7.82 7.38
C ASP B 295 14.88 -7.99 6.76
N THR B 296 15.71 -6.98 6.94
CA THR B 296 17.07 -7.05 6.37
C THR B 296 17.83 -7.96 7.32
N ILE B 297 18.56 -8.90 6.78
CA ILE B 297 19.35 -9.79 7.68
C ILE B 297 20.71 -9.05 7.74
N VAL B 298 21.16 -8.76 8.93
CA VAL B 298 22.42 -8.07 9.17
C VAL B 298 23.42 -9.11 9.70
N ILE B 299 24.52 -9.23 9.05
CA ILE B 299 25.61 -10.12 9.43
C ILE B 299 26.84 -9.23 9.67
N ARG B 300 27.50 -9.49 10.77
CA ARG B 300 28.73 -8.81 11.16
C ARG B 300 29.79 -9.90 11.39
N VAL B 301 30.68 -10.05 10.45
CA VAL B 301 31.80 -11.02 10.54
C VAL B 301 32.88 -10.21 11.29
N SER B 302 33.71 -10.83 12.08
CA SER B 302 34.69 -10.01 12.84
C SER B 302 36.02 -10.70 13.09
N ALA B 303 36.97 -10.40 12.20
CA ALA B 303 38.29 -10.98 12.24
C ALA B 303 39.29 -10.13 13.01
N PRO B 304 39.80 -10.73 14.08
CA PRO B 304 40.84 -10.08 14.90
C PRO B 304 42.10 -9.95 14.05
N THR B 305 43.14 -9.33 14.61
CA THR B 305 44.38 -9.18 13.82
C THR B 305 45.03 -10.54 13.60
N GLY B 306 45.52 -10.74 12.40
CA GLY B 306 46.17 -12.03 12.09
C GLY B 306 45.16 -13.13 11.75
N ALA B 307 43.89 -12.81 11.66
CA ALA B 307 42.88 -13.82 11.33
C ALA B 307 42.85 -14.09 9.84
N VAL B 308 42.76 -15.36 9.49
CA VAL B 308 42.65 -15.76 8.07
C VAL B 308 41.29 -16.47 7.90
N ASN B 309 40.30 -15.60 7.82
CA ASN B 309 38.88 -15.85 7.67
C ASN B 309 38.46 -15.73 6.19
N SER B 310 38.01 -16.88 5.71
CA SER B 310 37.54 -16.98 4.33
C SER B 310 36.37 -17.97 4.32
N ALA B 311 35.42 -17.56 3.49
CA ALA B 311 34.16 -18.25 3.30
C ALA B 311 33.64 -18.09 1.87
N ILE B 312 32.61 -18.88 1.65
CA ILE B 312 31.82 -18.88 0.43
C ILE B 312 30.52 -18.21 0.93
N LEU B 313 30.12 -17.14 0.30
CA LEU B 313 28.88 -16.47 0.76
C LEU B 313 27.79 -16.81 -0.25
N LYS B 314 26.91 -17.70 0.14
CA LYS B 314 25.78 -18.11 -0.74
C LYS B 314 24.62 -17.19 -0.33
N THR B 315 23.77 -16.84 -1.26
CA THR B 315 22.60 -15.99 -0.95
C THR B 315 21.49 -16.27 -1.97
N TRP B 316 20.37 -16.70 -1.40
CA TRP B 316 19.14 -17.06 -2.13
C TRP B 316 18.04 -15.98 -1.92
N ALA B 317 17.22 -15.83 -2.95
CA ALA B 317 16.07 -14.89 -2.97
C ALA B 317 15.13 -15.34 -4.11
N CYS B 318 13.98 -15.82 -3.70
CA CYS B 318 12.99 -16.31 -4.67
C CYS B 318 11.89 -15.25 -4.76
N LEU B 319 11.58 -14.87 -5.98
CA LEU B 319 10.58 -13.85 -6.19
C LEU B 319 9.53 -14.20 -7.25
N GLU B 320 8.47 -13.42 -7.11
CA GLU B 320 7.38 -13.50 -8.12
C GLU B 320 7.34 -12.09 -8.73
N TYR B 321 7.56 -11.98 -10.01
CA TYR B 321 7.53 -10.67 -10.68
C TYR B 321 6.28 -10.63 -11.58
N ARG B 322 5.98 -9.44 -12.03
CA ARG B 322 4.86 -9.26 -13.00
C ARG B 322 5.56 -8.95 -14.32
N PRO B 323 5.58 -9.92 -15.20
CA PRO B 323 6.25 -9.77 -16.49
C PRO B 323 5.41 -8.91 -17.41
N ASN B 324 6.04 -8.03 -18.13
CA ASN B 324 5.43 -7.12 -19.11
C ASN B 324 5.34 -7.88 -20.44
N PRO B 325 4.19 -7.81 -21.07
CA PRO B 325 3.93 -8.51 -22.34
C PRO B 325 4.99 -8.33 -23.40
N ASN B 326 5.75 -7.24 -23.37
CA ASN B 326 6.81 -6.98 -24.34
C ASN B 326 8.10 -7.68 -23.92
N ALA B 327 8.22 -8.03 -22.66
CA ALA B 327 9.48 -8.68 -22.17
C ALA B 327 9.67 -10.06 -22.76
N MET B 328 10.90 -10.54 -22.86
CA MET B 328 11.21 -11.87 -23.43
C MET B 328 11.20 -13.00 -22.40
N LEU B 329 11.12 -12.64 -21.14
CA LEU B 329 11.07 -13.56 -19.99
C LEU B 329 9.59 -13.95 -19.77
N TYR B 330 8.73 -13.25 -20.46
CA TYR B 330 7.30 -13.44 -20.37
C TYR B 330 6.84 -14.86 -20.63
N GLN B 331 7.37 -15.47 -21.67
CA GLN B 331 7.03 -16.84 -22.10
C GLN B 331 7.46 -17.89 -21.08
N PHE B 332 8.07 -17.46 -20.01
CA PHE B 332 8.52 -18.45 -19.00
C PHE B 332 7.54 -18.36 -17.82
N GLY B 333 6.69 -17.36 -17.81
CA GLY B 333 5.75 -17.11 -16.72
C GLY B 333 4.71 -18.26 -16.57
N HIS B 334 3.98 -18.21 -15.45
CA HIS B 334 2.85 -19.14 -15.08
C HIS B 334 1.88 -18.33 -14.17
N ASP B 335 0.86 -18.95 -13.58
CA ASP B 335 -0.09 -18.20 -12.69
C ASP B 335 0.37 -18.35 -11.25
N SER B 336 0.10 -17.38 -10.39
CA SER B 336 0.54 -17.60 -8.97
C SER B 336 -0.34 -18.77 -8.49
N PRO B 337 0.21 -19.64 -7.70
CA PRO B 337 -0.55 -20.78 -7.15
C PRO B 337 -1.67 -20.20 -6.27
N PRO B 338 -2.77 -20.90 -6.22
CA PRO B 338 -3.98 -20.53 -5.46
C PRO B 338 -3.84 -20.65 -3.95
N CYS B 339 -4.69 -19.93 -3.24
CA CYS B 339 -4.72 -19.89 -1.78
C CYS B 339 -4.56 -21.27 -1.17
N ASP B 340 -3.68 -21.32 -0.18
CA ASP B 340 -3.36 -22.52 0.60
C ASP B 340 -3.32 -22.04 2.06
N GLU B 341 -4.49 -21.92 2.63
CA GLU B 341 -4.64 -21.45 4.01
C GLU B 341 -3.65 -22.10 4.97
N VAL B 342 -3.47 -23.40 4.83
CA VAL B 342 -2.56 -24.13 5.72
C VAL B 342 -1.13 -23.67 5.49
N ALA B 343 -0.75 -23.62 4.21
CA ALA B 343 0.66 -23.21 3.91
C ALA B 343 0.91 -21.85 4.52
N LEU B 344 0.01 -20.91 4.31
CA LEU B 344 0.06 -19.56 4.84
C LEU B 344 0.16 -19.51 6.37
N GLN B 345 -0.64 -20.30 7.05
CA GLN B 345 -0.69 -20.34 8.51
C GLN B 345 0.60 -20.85 9.12
N GLU B 346 1.02 -21.99 8.64
CA GLU B 346 2.24 -22.67 9.06
C GLU B 346 3.48 -21.87 8.73
N TYR B 347 3.38 -21.01 7.72
CA TYR B 347 4.50 -20.18 7.27
C TYR B 347 4.91 -19.26 8.42
N ARG B 348 3.87 -18.75 9.06
CA ARG B 348 4.00 -17.85 10.21
C ARG B 348 4.49 -18.55 11.46
N THR B 349 3.99 -19.77 11.70
CA THR B 349 4.38 -20.44 12.96
C THR B 349 5.74 -21.08 12.87
N VAL B 350 6.05 -21.51 11.65
CA VAL B 350 7.36 -22.16 11.39
C VAL B 350 8.45 -21.13 11.70
N ALA B 351 8.22 -19.96 11.13
CA ALA B 351 9.05 -18.76 11.20
C ALA B 351 9.34 -18.42 12.66
N ARG B 352 8.26 -18.53 13.39
CA ARG B 352 8.21 -18.27 14.82
C ARG B 352 8.97 -19.34 15.59
N SER B 353 8.90 -20.61 15.24
CA SER B 353 9.62 -21.63 16.02
C SER B 353 11.04 -21.84 15.57
N LEU B 354 11.59 -21.03 14.72
CA LEU B 354 13.00 -21.19 14.28
C LEU B 354 13.89 -20.19 15.02
N PRO B 355 15.16 -20.57 15.19
CA PRO B 355 16.18 -19.73 15.86
C PRO B 355 16.52 -18.57 14.94
N VAL B 356 17.16 -17.50 15.41
CA VAL B 356 17.41 -16.40 14.45
C VAL B 356 18.34 -16.87 13.32
N ALA B 357 19.16 -17.84 13.66
CA ALA B 357 20.13 -18.40 12.72
C ALA B 357 20.64 -19.73 13.28
N VAL B 358 21.28 -20.45 12.39
CA VAL B 358 21.81 -21.78 12.74
C VAL B 358 23.20 -21.91 12.15
N ILE B 359 24.02 -22.73 12.82
CA ILE B 359 25.39 -22.95 12.31
C ILE B 359 25.19 -23.74 10.98
N ALA B 360 26.17 -23.60 10.11
CA ALA B 360 26.13 -24.14 8.72
C ALA B 360 25.81 -25.65 8.58
N ALA B 361 26.33 -26.46 9.48
CA ALA B 361 26.16 -27.94 9.40
C ALA B 361 24.72 -28.38 9.72
N GLN B 362 23.86 -27.41 9.96
CA GLN B 362 22.45 -27.66 10.30
C GLN B 362 21.51 -26.99 9.33
N ASN B 363 21.86 -27.00 8.08
CA ASN B 363 21.02 -26.36 7.09
C ASN B 363 20.41 -27.38 6.14
N ALA C 1 20.98 -33.68 12.31
CA ALA C 1 20.11 -32.75 11.52
C ALA C 1 20.62 -31.67 10.59
N SER C 2 19.57 -31.46 9.75
CA SER C 2 19.43 -30.50 8.63
C SER C 2 18.18 -29.62 8.91
N MET C 3 17.95 -28.65 8.03
CA MET C 3 16.85 -27.67 8.18
C MET C 3 15.45 -28.30 7.99
N TRP C 4 15.17 -28.78 6.78
CA TRP C 4 13.87 -29.41 6.50
C TRP C 4 13.48 -30.31 7.66
N GLU C 5 14.45 -31.12 8.05
CA GLU C 5 14.31 -32.07 9.15
C GLU C 5 13.82 -31.34 10.41
N ARG C 6 14.14 -30.06 10.45
CA ARG C 6 13.77 -29.19 11.58
C ARG C 6 12.38 -28.58 11.40
N VAL C 7 12.09 -28.17 10.17
CA VAL C 7 10.81 -27.52 9.88
C VAL C 7 9.68 -28.55 9.73
N LYS C 8 10.05 -29.75 9.33
CA LYS C 8 9.07 -30.82 9.16
C LYS C 8 8.47 -31.19 10.53
N SER C 9 9.37 -31.39 11.47
CA SER C 9 9.00 -31.72 12.85
C SER C 9 7.97 -30.73 13.36
N ILE C 10 8.37 -29.47 13.33
CA ILE C 10 7.53 -28.35 13.77
C ILE C 10 6.12 -28.47 13.18
N ILE C 11 6.11 -28.39 11.86
CA ILE C 11 4.89 -28.41 11.05
C ILE C 11 4.00 -29.62 11.34
N LYS C 12 4.61 -30.74 11.70
CA LYS C 12 3.85 -31.98 11.96
C LYS C 12 3.11 -31.92 13.30
N SER C 13 3.71 -31.17 14.20
CA SER C 13 3.21 -31.03 15.58
C SER C 13 2.07 -29.99 15.67
N SER C 14 2.10 -28.99 14.81
CA SER C 14 1.05 -27.94 14.80
C SER C 14 -0.15 -28.37 13.98
N LEU C 15 -0.09 -29.60 13.55
CA LEU C 15 -1.16 -30.19 12.76
C LEU C 15 -1.59 -31.47 13.47
N ALA C 16 -1.50 -31.38 14.78
CA ALA C 16 -1.84 -32.50 15.62
C ALA C 16 -2.13 -32.10 17.09
N LEU D 56 -17.24 -16.24 26.24
CA LEU D 56 -16.93 -16.11 24.79
C LEU D 56 -15.72 -16.95 24.60
N THR D 57 -16.01 -18.16 24.37
CA THR D 57 -15.01 -19.19 24.32
C THR D 57 -14.77 -19.67 22.89
N ARG D 58 -14.59 -18.67 22.05
CA ARG D 58 -14.25 -18.87 20.65
C ARG D 58 -13.09 -17.93 20.35
N LEU D 59 -13.14 -16.82 21.05
CA LEU D 59 -12.09 -15.81 20.97
C LEU D 59 -10.88 -16.35 21.77
N SER D 60 -9.74 -15.99 21.21
CA SER D 60 -8.45 -16.34 21.83
C SER D 60 -8.25 -15.29 22.94
N GLN D 61 -7.39 -15.66 23.88
CA GLN D 61 -7.08 -14.77 25.00
C GLN D 61 -6.80 -13.36 24.54
N PRO D 62 -6.04 -13.21 23.48
CA PRO D 62 -5.67 -11.92 22.89
C PRO D 62 -6.67 -11.44 21.87
N GLY D 63 -7.34 -12.39 21.25
CA GLY D 63 -8.35 -11.96 20.24
C GLY D 63 -9.33 -11.07 21.03
N LEU D 64 -9.62 -11.57 22.24
CA LEU D 64 -10.54 -10.93 23.15
C LEU D 64 -10.00 -9.68 23.83
N ALA D 65 -8.71 -9.67 24.11
CA ALA D 65 -8.13 -8.44 24.72
C ALA D 65 -8.16 -7.33 23.65
N PHE D 66 -8.04 -7.70 22.40
CA PHE D 66 -8.04 -6.82 21.23
C PHE D 66 -9.35 -6.01 21.17
N LEU D 67 -10.40 -6.83 21.27
CA LEU D 67 -11.76 -6.27 21.19
C LEU D 67 -11.94 -5.28 22.34
N LYS D 68 -11.36 -5.65 23.47
CA LYS D 68 -11.49 -4.83 24.67
C LYS D 68 -10.82 -3.48 24.56
N CYS D 69 -9.54 -3.51 24.19
CA CYS D 69 -8.75 -2.27 24.03
C CYS D 69 -9.41 -1.43 22.92
N ALA D 70 -9.82 -2.15 21.89
CA ALA D 70 -10.46 -1.61 20.72
C ALA D 70 -11.67 -0.75 21.04
N PHE D 71 -12.63 -1.27 21.79
CA PHE D 71 -13.87 -0.55 22.06
C PHE D 71 -14.17 -0.07 23.50
N ALA D 72 -13.63 -0.64 24.53
CA ALA D 72 -13.99 -0.16 25.88
C ALA D 72 -12.78 -0.01 26.78
N PRO D 73 -11.82 0.87 26.45
CA PRO D 73 -10.64 1.04 27.27
C PRO D 73 -11.01 1.50 28.67
N PRO D 74 -11.85 2.53 28.83
CA PRO D 74 -12.19 3.07 30.16
C PRO D 74 -12.91 2.10 31.09
N ASP D 75 -13.25 0.92 30.62
CA ASP D 75 -14.04 -0.06 31.43
C ASP D 75 -13.18 -1.09 32.17
N PHE D 76 -11.89 -0.88 32.21
CA PHE D 76 -10.99 -1.86 32.87
C PHE D 76 -9.91 -1.17 33.69
N ASN D 77 -9.63 -1.82 34.81
CA ASN D 77 -8.63 -1.37 35.79
C ASN D 77 -7.32 -1.01 35.10
N THR D 78 -6.93 -1.86 34.17
CA THR D 78 -5.74 -1.62 33.35
C THR D 78 -5.94 -2.21 31.96
N ASP D 79 -5.53 -1.52 30.93
CA ASP D 79 -5.64 -1.87 29.55
C ASP D 79 -5.16 -3.29 29.15
N PRO D 80 -6.13 -4.13 28.70
CA PRO D 80 -5.89 -5.50 28.24
C PRO D 80 -5.04 -5.56 26.97
N GLY D 81 -5.39 -4.72 26.01
CA GLY D 81 -4.70 -4.66 24.70
C GLY D 81 -3.39 -5.45 24.78
N LYS D 82 -3.17 -6.25 23.75
CA LYS D 82 -1.95 -7.07 23.67
C LYS D 82 -1.57 -7.37 22.22
N GLY D 83 -2.00 -6.50 21.33
CA GLY D 83 -1.64 -6.63 19.91
C GLY D 83 -2.82 -7.05 19.05
N ILE D 84 -2.56 -6.94 17.76
CA ILE D 84 -3.51 -7.22 16.70
C ILE D 84 -3.46 -8.68 16.27
N PRO D 85 -4.51 -9.43 16.56
CA PRO D 85 -4.62 -10.84 16.25
C PRO D 85 -4.86 -11.23 14.80
N ASP D 86 -4.03 -10.66 13.93
CA ASP D 86 -4.04 -10.94 12.48
C ASP D 86 -2.85 -11.90 12.21
N ARG D 87 -2.55 -12.11 10.97
CA ARG D 87 -1.51 -12.99 10.48
C ARG D 87 -0.09 -12.66 10.88
N PHE D 88 0.33 -11.43 10.86
CA PHE D 88 1.73 -11.05 11.23
C PHE D 88 2.01 -11.41 12.68
N GLU D 89 3.22 -11.94 12.94
CA GLU D 89 3.63 -12.32 14.30
C GLU D 89 5.10 -11.93 14.55
N GLY D 90 5.46 -10.81 13.93
CA GLY D 90 6.79 -10.23 14.03
C GLY D 90 6.99 -9.58 15.40
N LYS D 91 8.21 -9.11 15.57
CA LYS D 91 8.63 -8.42 16.79
C LYS D 91 7.98 -7.04 16.78
N VAL D 92 7.40 -6.74 17.92
CA VAL D 92 6.73 -5.43 18.08
C VAL D 92 6.78 -5.06 19.57
N VAL D 93 6.35 -3.82 19.71
CA VAL D 93 6.17 -3.18 21.02
C VAL D 93 4.78 -2.50 20.91
N THR D 94 3.91 -2.99 21.77
CA THR D 94 2.53 -2.41 21.78
C THR D 94 2.62 -1.25 22.77
N ARG D 95 2.22 -0.06 22.33
CA ARG D 95 2.26 1.13 23.19
C ARG D 95 0.83 1.63 23.35
N LYS D 96 0.53 1.94 24.59
CA LYS D 96 -0.80 2.45 24.96
C LYS D 96 -0.65 3.85 25.52
N ASP D 97 -0.90 4.77 24.60
CA ASP D 97 -0.83 6.20 24.85
C ASP D 97 -2.15 6.65 25.47
N VAL D 98 -2.07 7.40 26.55
CA VAL D 98 -3.26 7.97 27.19
C VAL D 98 -2.92 9.45 27.45
N LEU D 99 -3.89 10.31 27.26
CA LEU D 99 -3.77 11.72 27.56
C LEU D 99 -4.99 12.11 28.41
N ASN D 100 -4.76 12.71 29.54
CA ASN D 100 -5.79 13.20 30.48
C ASN D 100 -5.54 14.72 30.50
N GLN D 101 -6.58 15.47 30.27
CA GLN D 101 -6.39 16.93 30.27
C GLN D 101 -7.59 17.71 30.75
N SER D 102 -7.34 18.58 31.70
CA SER D 102 -8.39 19.48 32.26
C SER D 102 -8.42 20.60 31.24
N ILE D 103 -9.59 20.92 30.73
CA ILE D 103 -9.67 21.98 29.69
C ILE D 103 -10.98 22.75 29.79
N ASN D 104 -10.83 24.06 29.65
CA ASN D 104 -11.98 24.98 29.66
C ASN D 104 -12.17 25.50 28.22
N PHE D 105 -13.27 25.09 27.66
CA PHE D 105 -13.55 25.56 26.25
C PHE D 105 -13.80 27.07 26.31
N THR D 106 -13.07 27.75 25.46
CA THR D 106 -13.15 29.20 25.38
C THR D 106 -14.59 29.60 24.97
N ALA D 107 -15.15 30.55 25.72
CA ALA D 107 -16.55 31.00 25.55
C ALA D 107 -16.75 31.82 24.26
N ASN D 108 -17.92 31.59 23.68
CA ASN D 108 -18.38 32.26 22.45
C ASN D 108 -17.50 31.87 21.25
N ARG D 109 -16.95 30.68 21.33
CA ARG D 109 -16.09 30.13 20.25
C ARG D 109 -16.49 28.69 19.96
N ASP D 110 -16.05 28.24 18.79
CA ASP D 110 -16.25 26.85 18.33
C ASP D 110 -14.87 26.18 18.30
N THR D 111 -14.68 25.26 19.20
CA THR D 111 -13.40 24.54 19.30
C THR D 111 -13.56 23.28 18.44
N PHE D 112 -12.56 23.14 17.60
CA PHE D 112 -12.53 21.98 16.69
C PHE D 112 -11.38 21.08 17.15
N ILE D 113 -11.69 19.84 17.48
CA ILE D 113 -10.68 18.87 17.92
C ILE D 113 -10.69 17.74 16.90
N LEU D 114 -9.50 17.32 16.52
CA LEU D 114 -9.37 16.23 15.53
C LEU D 114 -8.61 15.08 16.19
N ILE D 115 -9.17 13.90 16.16
CA ILE D 115 -8.43 12.74 16.72
C ILE D 115 -7.97 11.96 15.50
N ALA D 116 -6.75 12.26 15.08
CA ALA D 116 -6.11 11.70 13.89
C ALA D 116 -5.08 10.62 14.23
N PRO D 117 -4.85 9.67 13.33
CA PRO D 117 -3.89 8.58 13.50
C PRO D 117 -2.45 8.95 13.19
N THR D 118 -2.02 10.01 13.84
CA THR D 118 -0.67 10.60 13.82
C THR D 118 0.02 10.15 15.11
N PRO D 119 0.89 9.16 15.05
CA PRO D 119 1.58 8.64 16.25
C PRO D 119 2.27 9.76 17.02
N GLY D 120 2.21 9.73 18.33
CA GLY D 120 2.81 10.68 19.23
C GLY D 120 1.95 11.85 19.67
N VAL D 121 0.97 12.22 18.83
CA VAL D 121 0.11 13.37 19.17
C VAL D 121 -1.34 12.91 19.34
N ALA D 122 -1.84 13.26 20.52
CA ALA D 122 -3.17 12.95 21.00
C ALA D 122 -4.25 13.59 20.15
N TYR D 123 -4.21 14.90 20.00
CA TYR D 123 -5.28 15.52 19.18
C TYR D 123 -4.75 16.80 18.60
N TRP D 124 -5.52 17.38 17.73
CA TRP D 124 -5.18 18.63 17.02
C TRP D 124 -6.34 19.58 17.28
N VAL D 125 -6.05 20.75 17.84
CA VAL D 125 -7.16 21.65 18.11
C VAL D 125 -6.95 23.04 17.54
N ALA D 126 -8.10 23.67 17.40
CA ALA D 126 -8.24 25.02 16.90
C ALA D 126 -9.64 25.51 17.23
N ASP D 127 -9.70 26.84 17.35
CA ASP D 127 -11.00 27.45 17.65
C ASP D 127 -11.23 28.59 16.66
N VAL D 128 -12.52 28.78 16.47
CA VAL D 128 -13.04 29.76 15.53
C VAL D 128 -14.30 30.39 16.09
N PRO D 129 -14.66 31.50 15.47
CA PRO D 129 -15.89 32.23 15.79
C PRO D 129 -17.09 31.28 15.68
N ALA D 130 -17.82 31.31 16.79
CA ALA D 130 -19.01 30.47 16.92
C ALA D 130 -19.83 30.57 15.63
N GLY D 131 -20.30 29.40 15.21
CA GLY D 131 -21.16 29.33 14.02
C GLY D 131 -20.36 29.23 12.75
N THR D 132 -19.04 29.21 12.91
CA THR D 132 -18.19 29.12 11.70
C THR D 132 -17.36 27.86 11.71
N PHE D 133 -16.72 27.54 10.61
CA PHE D 133 -15.86 26.38 10.42
C PHE D 133 -14.45 26.90 10.06
N PRO D 134 -13.48 26.02 10.24
CA PRO D 134 -12.09 26.37 9.90
C PRO D 134 -12.02 26.90 8.46
N ILE D 135 -11.40 28.05 8.33
CA ILE D 135 -11.15 28.69 7.03
C ILE D 135 -9.67 28.42 6.66
N SER D 136 -9.37 28.68 5.41
CA SER D 136 -8.03 28.43 4.81
C SER D 136 -6.89 29.02 5.65
N THR D 137 -7.23 30.00 6.45
CA THR D 137 -6.26 30.76 7.25
C THR D 137 -6.02 30.15 8.65
N THR D 138 -6.77 29.11 8.95
CA THR D 138 -6.76 28.43 10.26
C THR D 138 -5.61 27.44 10.38
N THR D 139 -5.08 27.26 11.60
CA THR D 139 -3.98 26.31 11.79
C THR D 139 -4.36 25.39 12.96
N PHE D 140 -4.31 24.09 12.75
CA PHE D 140 -4.62 23.15 13.87
C PHE D 140 -3.30 22.95 14.60
N ASN D 141 -3.30 22.99 15.90
CA ASN D 141 -2.02 22.77 16.63
C ASN D 141 -2.10 21.37 17.23
N ALA D 142 -0.93 20.78 17.42
CA ALA D 142 -0.89 19.40 17.95
C ALA D 142 -0.80 19.33 19.45
N VAL D 143 -1.48 18.40 20.08
CA VAL D 143 -1.37 18.18 21.54
C VAL D 143 -0.84 16.73 21.69
N ASN D 144 0.39 16.65 22.12
CA ASN D 144 1.13 15.40 22.27
C ASN D 144 0.65 14.56 23.45
N PHE D 145 0.91 13.29 23.29
CA PHE D 145 0.62 12.32 24.40
C PHE D 145 1.97 12.38 25.18
N PRO D 146 1.97 12.05 26.42
CA PRO D 146 3.23 12.07 27.20
C PRO D 146 4.23 11.13 26.54
N GLY D 147 5.50 11.43 26.65
CA GLY D 147 6.64 10.70 26.15
C GLY D 147 7.10 10.85 24.73
N PHE D 148 6.58 11.78 23.96
CA PHE D 148 6.90 12.03 22.55
C PHE D 148 8.38 11.98 22.19
N ASN D 149 9.18 12.84 22.79
CA ASN D 149 10.62 12.87 22.48
C ASN D 149 11.26 11.53 22.80
N SER D 150 10.81 10.95 23.90
CA SER D 150 11.44 9.67 24.30
C SER D 150 11.18 8.64 23.21
N MET D 151 10.21 8.95 22.39
CA MET D 151 9.79 8.04 21.32
C MET D 151 10.21 8.43 19.93
N PHE D 152 10.13 9.73 19.64
CA PHE D 152 10.42 10.25 18.31
C PHE D 152 11.53 11.26 18.16
N GLY D 153 12.28 11.49 19.22
CA GLY D 153 13.42 12.42 19.15
C GLY D 153 12.97 13.87 19.22
N ASN D 154 13.91 14.74 18.84
CA ASN D 154 13.70 16.20 18.88
C ASN D 154 14.37 16.90 17.71
N ALA D 155 14.32 16.24 16.58
CA ALA D 155 14.87 16.79 15.33
C ALA D 155 13.95 16.25 14.24
N ALA D 156 13.63 17.08 13.28
CA ALA D 156 12.74 16.66 12.20
C ALA D 156 13.21 15.43 11.47
N ALA D 157 14.49 15.09 11.46
CA ALA D 157 14.85 13.87 10.69
C ALA D 157 15.32 12.75 11.58
N SER D 158 14.84 12.68 12.82
CA SER D 158 15.27 11.57 13.71
C SER D 158 14.04 10.79 14.17
N ARG D 159 13.01 10.84 13.34
CA ARG D 159 11.75 10.20 13.71
C ARG D 159 11.86 8.70 13.87
N SER D 160 12.68 8.04 13.08
CA SER D 160 12.82 6.59 13.15
C SER D 160 14.03 6.04 13.85
N ASP D 161 14.57 6.73 14.82
CA ASP D 161 15.78 6.18 15.51
C ASP D 161 15.36 4.96 16.32
N GLN D 162 14.31 5.09 17.11
CA GLN D 162 13.75 4.07 17.97
C GLN D 162 12.91 2.99 17.24
N VAL D 163 11.96 3.49 16.48
CA VAL D 163 10.97 2.66 15.75
C VAL D 163 10.98 2.96 14.27
N SER D 164 10.53 2.01 13.46
CA SER D 164 10.52 2.19 12.00
C SER D 164 9.14 2.23 11.39
N SER D 165 8.20 1.43 11.86
CA SER D 165 6.84 1.44 11.26
C SER D 165 5.84 1.25 12.40
N PHE D 166 4.57 1.31 12.03
CA PHE D 166 3.58 1.15 13.12
C PHE D 166 2.23 0.84 12.52
N ARG D 167 1.37 0.31 13.35
CA ARG D 167 0.00 0.01 12.90
C ARG D 167 -0.89 0.32 14.11
N TYR D 168 -2.03 0.93 13.81
CA TYR D 168 -2.99 1.27 14.86
C TYR D 168 -3.90 0.04 15.09
N ALA D 169 -4.08 -0.13 16.37
CA ALA D 169 -4.95 -1.18 16.91
C ALA D 169 -6.11 -0.47 17.64
N SER D 170 -5.94 0.79 18.01
CA SER D 170 -7.03 1.53 18.70
C SER D 170 -6.80 3.02 18.79
N MET D 171 -7.94 3.72 18.87
CA MET D 171 -8.02 5.19 18.97
C MET D 171 -9.34 5.63 19.58
N ASN D 172 -9.37 6.05 20.83
CA ASN D 172 -10.61 6.52 21.46
C ASN D 172 -10.43 7.96 21.98
N VAL D 173 -11.56 8.48 22.44
CA VAL D 173 -11.76 9.81 23.00
C VAL D 173 -13.03 9.89 23.87
N GLY D 174 -12.90 10.67 24.93
CA GLY D 174 -14.00 10.88 25.89
C GLY D 174 -13.85 12.28 26.51
N ILE D 175 -14.98 12.94 26.66
CA ILE D 175 -15.10 14.27 27.25
C ILE D 175 -16.01 14.15 28.47
N TYR D 176 -15.42 14.48 29.60
CA TYR D 176 -16.16 14.37 30.88
C TYR D 176 -16.37 15.75 31.48
N PRO D 177 -17.55 16.32 31.17
CA PRO D 177 -17.90 17.66 31.65
C PRO D 177 -17.69 17.70 33.16
N THR D 178 -17.29 18.87 33.60
CA THR D 178 -16.96 19.18 34.98
C THR D 178 -17.64 20.38 35.59
N SER D 179 -18.36 21.14 34.77
CA SER D 179 -19.07 22.35 35.18
C SER D 179 -20.29 21.96 36.00
N ASN D 180 -20.76 22.90 36.79
CA ASN D 180 -21.96 22.64 37.64
C ASN D 180 -23.19 23.02 36.81
N LEU D 181 -24.35 22.62 37.31
CA LEU D 181 -25.64 22.78 36.61
C LEU D 181 -26.07 24.24 36.42
N MET D 182 -25.25 25.16 36.85
CA MET D 182 -25.60 26.57 36.73
C MET D 182 -24.63 27.32 35.81
N GLN D 183 -23.62 26.62 35.32
CA GLN D 183 -22.59 27.30 34.50
C GLN D 183 -22.37 26.78 33.11
N PHE D 184 -22.63 25.56 32.78
CA PHE D 184 -22.40 25.00 31.44
C PHE D 184 -23.46 25.42 30.44
N ALA D 185 -23.06 25.46 29.18
CA ALA D 185 -23.94 25.80 28.06
C ALA D 185 -23.14 25.64 26.76
N GLY D 186 -23.75 24.86 25.91
CA GLY D 186 -23.18 24.53 24.60
C GLY D 186 -23.55 23.08 24.31
N SER D 187 -22.89 22.60 23.28
CA SER D 187 -23.16 21.22 22.81
C SER D 187 -21.87 20.61 22.31
N ILE D 188 -21.96 19.34 22.04
CA ILE D 188 -20.88 18.52 21.49
C ILE D 188 -21.44 17.79 20.26
N THR D 189 -20.69 17.85 19.19
CA THR D 189 -21.07 17.24 17.91
C THR D 189 -19.85 16.45 17.41
N VAL D 190 -20.07 15.21 17.07
CA VAL D 190 -19.03 14.34 16.56
C VAL D 190 -19.42 13.74 15.21
N TRP D 191 -18.41 13.65 14.37
CA TRP D 191 -18.51 13.03 13.04
C TRP D 191 -17.09 12.59 12.65
N LYS D 192 -17.04 11.59 11.81
CA LYS D 192 -15.76 11.02 11.37
C LYS D 192 -15.53 11.31 9.89
N CYS D 193 -14.26 11.27 9.48
CA CYS D 193 -13.92 11.60 8.10
C CYS D 193 -12.69 10.88 7.57
N PRO D 194 -12.80 10.25 6.40
CA PRO D 194 -11.69 9.55 5.77
C PRO D 194 -10.60 10.44 5.27
N VAL D 195 -9.77 10.91 6.14
CA VAL D 195 -8.68 11.72 5.67
C VAL D 195 -7.42 10.84 5.53
N LYS D 196 -6.98 10.76 4.29
CA LYS D 196 -5.76 10.00 3.92
C LYS D 196 -4.65 10.96 3.52
N LEU D 197 -3.44 10.53 3.77
CA LEU D 197 -2.24 11.29 3.44
C LEU D 197 -1.73 10.86 2.07
N SER D 198 -1.98 11.73 1.12
CA SER D 198 -1.59 11.53 -0.27
C SER D 198 -0.57 12.59 -0.64
N ASN D 199 -0.42 12.82 -1.93
CA ASN D 199 0.52 13.83 -2.42
C ASN D 199 -0.18 14.78 -3.44
N VAL D 200 0.52 15.89 -3.70
CA VAL D 200 0.13 16.96 -4.70
C VAL D 200 1.33 17.21 -5.62
N GLN D 201 1.08 17.24 -6.90
CA GLN D 201 2.19 17.52 -7.87
C GLN D 201 1.83 18.77 -8.65
N PHE D 202 2.77 19.71 -8.58
CA PHE D 202 2.64 21.01 -9.21
C PHE D 202 3.96 21.55 -9.75
N PRO D 203 3.96 22.04 -11.00
CA PRO D 203 5.15 22.63 -11.57
C PRO D 203 5.54 23.91 -10.85
N VAL D 204 6.82 23.99 -10.49
CA VAL D 204 7.39 25.21 -9.88
C VAL D 204 8.23 25.90 -10.96
N ALA D 205 8.49 27.18 -10.79
CA ALA D 205 9.20 27.96 -11.81
C ALA D 205 10.67 28.22 -11.48
N THR D 206 11.32 27.20 -10.96
CA THR D 206 12.76 27.26 -10.66
C THR D 206 13.45 27.52 -12.03
N THR D 207 14.78 27.43 -12.07
CA THR D 207 15.50 27.72 -13.33
C THR D 207 15.51 26.54 -14.31
N PRO D 208 16.07 25.35 -13.98
CA PRO D 208 16.04 24.29 -14.95
C PRO D 208 14.60 24.10 -15.30
N ALA D 209 13.78 24.54 -14.33
CA ALA D 209 12.31 24.52 -14.39
C ALA D 209 11.81 23.11 -14.02
N THR D 210 11.38 23.03 -12.72
CA THR D 210 10.97 21.76 -12.03
C THR D 210 9.48 21.38 -12.11
N SER D 211 9.25 20.36 -11.28
CA SER D 211 7.96 19.70 -11.00
C SER D 211 8.02 19.15 -9.55
N ALA D 212 7.21 19.74 -8.68
CA ALA D 212 7.21 19.42 -7.23
C ALA D 212 6.15 18.39 -6.84
N LEU D 213 6.56 17.41 -6.04
CA LEU D 213 5.73 16.35 -5.50
C LEU D 213 5.83 16.40 -3.96
N VAL D 214 4.75 16.77 -3.31
CA VAL D 214 4.80 16.87 -1.84
C VAL D 214 3.56 16.26 -1.21
N HIS D 215 3.69 16.00 0.09
CA HIS D 215 2.66 15.41 0.94
C HIS D 215 1.49 16.40 1.09
N THR D 216 0.33 15.78 1.13
CA THR D 216 -0.91 16.56 1.26
C THR D 216 -1.98 15.69 1.88
N LEU D 217 -2.76 16.27 2.77
CA LEU D 217 -3.84 15.50 3.42
C LEU D 217 -5.02 15.52 2.47
N VAL D 218 -5.67 14.40 2.25
CA VAL D 218 -6.84 14.38 1.35
C VAL D 218 -8.01 13.96 2.25
N GLY D 219 -9.09 14.72 2.15
CA GLY D 219 -10.28 14.43 2.94
C GLY D 219 -10.50 15.39 4.09
N LEU D 220 -9.60 16.33 4.29
CA LEU D 220 -9.82 17.28 5.39
C LEU D 220 -11.03 18.16 5.07
N ASP D 221 -11.49 18.10 3.85
CA ASP D 221 -12.62 18.93 3.39
C ASP D 221 -13.89 18.56 4.13
N GLY D 222 -13.90 17.41 4.77
CA GLY D 222 -15.11 16.95 5.47
C GLY D 222 -15.20 17.44 6.90
N VAL D 223 -14.28 18.36 7.17
CA VAL D 223 -14.24 18.95 8.53
C VAL D 223 -15.16 20.17 8.48
N LEU D 224 -15.28 20.69 7.26
CA LEU D 224 -16.09 21.88 7.01
C LEU D 224 -17.59 21.70 7.02
N ALA D 225 -18.13 20.60 7.47
CA ALA D 225 -19.57 20.33 7.53
C ALA D 225 -19.89 19.07 8.33
N VAL D 226 -20.96 19.21 9.11
CA VAL D 226 -21.47 18.11 9.95
C VAL D 226 -22.44 17.26 9.08
N GLY D 227 -22.01 16.03 8.80
CA GLY D 227 -22.73 15.06 7.90
C GLY D 227 -23.97 14.43 8.57
N PRO D 228 -24.83 13.69 7.80
CA PRO D 228 -26.05 13.06 8.34
C PRO D 228 -25.72 12.04 9.42
N ASP D 229 -24.46 11.66 9.45
CA ASP D 229 -23.94 10.66 10.41
C ASP D 229 -23.11 11.32 11.50
N ASN D 230 -23.79 11.97 12.43
CA ASN D 230 -23.13 12.68 13.52
C ASN D 230 -23.82 12.44 14.86
N PHE D 231 -23.19 12.85 15.91
CA PHE D 231 -23.76 12.74 17.27
C PHE D 231 -23.69 14.17 17.86
N SER D 232 -24.82 14.67 18.27
CA SER D 232 -24.84 16.03 18.85
C SER D 232 -25.73 16.05 20.10
N GLU D 233 -25.34 16.86 21.06
CA GLU D 233 -26.16 16.96 22.31
C GLU D 233 -25.57 17.97 23.26
N SER D 234 -26.29 18.25 24.32
CA SER D 234 -25.91 19.21 25.37
C SER D 234 -24.53 18.85 25.92
N PHE D 235 -23.73 19.88 26.12
CA PHE D 235 -22.35 19.80 26.57
C PHE D 235 -22.20 19.04 27.88
N ILE D 236 -23.14 19.22 28.79
CA ILE D 236 -23.09 18.60 30.12
C ILE D 236 -23.10 17.08 30.05
N LYS D 237 -23.54 16.56 28.93
CA LYS D 237 -23.62 15.11 28.76
C LYS D 237 -22.30 14.46 28.40
N GLY D 238 -21.33 15.22 27.96
CA GLY D 238 -20.01 14.65 27.62
C GLY D 238 -20.14 13.65 26.48
N VAL D 239 -19.04 13.03 26.10
CA VAL D 239 -19.12 12.06 24.97
C VAL D 239 -18.06 10.97 25.11
N PHE D 240 -18.24 9.98 24.26
CA PHE D 240 -17.35 8.85 24.12
C PHE D 240 -17.41 8.42 22.64
N SER D 241 -16.20 8.18 22.10
CA SER D 241 -16.12 7.76 20.69
C SER D 241 -14.85 6.97 20.43
N GLN D 242 -14.95 6.19 19.39
CA GLN D 242 -13.86 5.30 18.93
C GLN D 242 -13.66 5.45 17.43
N SER D 243 -12.49 5.11 16.94
CA SER D 243 -12.28 5.16 15.48
C SER D 243 -12.05 3.68 15.13
N VAL D 244 -11.86 3.33 13.88
CA VAL D 244 -11.65 1.90 13.55
C VAL D 244 -10.78 1.84 12.32
N CYS D 245 -10.23 0.67 12.10
CA CYS D 245 -9.35 0.46 10.94
C CYS D 245 -10.18 0.74 9.69
N ASN D 246 -9.66 1.57 8.83
CA ASN D 246 -10.39 1.96 7.60
C ASN D 246 -9.95 1.17 6.37
N GLU D 247 -9.36 0.03 6.69
CA GLU D 247 -8.90 -0.89 5.65
C GLU D 247 -9.24 -2.34 5.96
N PRO D 248 -9.42 -3.15 4.92
CA PRO D 248 -9.79 -4.55 5.07
C PRO D 248 -8.79 -5.31 5.92
N ASP D 249 -7.51 -4.95 5.79
CA ASP D 249 -6.42 -5.59 6.57
C ASP D 249 -5.77 -4.54 7.51
N PHE D 250 -4.77 -5.00 8.25
CA PHE D 250 -4.02 -4.17 9.23
C PHE D 250 -2.56 -4.16 8.87
N GLU D 251 -2.16 -3.16 8.14
CA GLU D 251 -0.79 -3.09 7.70
C GLU D 251 -0.01 -2.03 8.45
N PHE D 252 1.27 -2.25 8.37
CA PHE D 252 2.27 -1.40 8.98
C PHE D 252 2.53 -0.21 8.10
N SER D 253 2.52 0.91 8.76
CA SER D 253 2.77 2.20 8.13
C SER D 253 4.17 2.64 8.51
N ASP D 254 4.81 3.26 7.57
CA ASP D 254 6.15 3.75 7.75
C ASP D 254 6.14 5.06 8.52
N ILE D 255 7.27 5.26 9.17
CA ILE D 255 7.54 6.50 9.91
C ILE D 255 8.05 7.47 8.83
N LEU D 256 7.53 8.65 8.88
CA LEU D 256 7.90 9.68 7.90
C LEU D 256 8.93 10.58 8.58
N GLU D 257 9.76 11.20 7.78
CA GLU D 257 10.80 12.11 8.25
C GLU D 257 10.68 13.53 7.73
N GLY D 258 10.89 14.49 8.61
CA GLY D 258 10.86 15.91 8.44
C GLY D 258 9.58 16.65 8.32
N ILE D 259 8.40 16.11 8.69
CA ILE D 259 7.13 16.85 8.55
C ILE D 259 6.77 17.64 9.81
N GLN D 260 7.00 18.94 9.84
CA GLN D 260 6.59 19.73 11.04
C GLN D 260 5.22 20.30 10.82
N THR D 261 4.98 20.61 9.58
CA THR D 261 3.70 21.12 9.16
C THR D 261 3.37 20.58 7.79
N LEU D 262 2.09 20.50 7.64
CA LEU D 262 1.38 20.04 6.46
C LEU D 262 0.29 21.06 6.18
N PRO D 263 0.25 21.83 5.08
CA PRO D 263 1.22 21.74 3.99
C PRO D 263 2.63 22.10 4.45
N PRO D 264 3.70 21.41 3.98
CA PRO D 264 5.05 21.75 4.38
C PRO D 264 5.30 23.16 3.95
N ALA D 265 6.22 23.78 4.61
CA ALA D 265 6.57 25.16 4.34
C ALA D 265 6.98 25.35 2.89
N ASN D 266 6.85 26.54 2.49
CA ASN D 266 7.25 26.94 1.17
C ASN D 266 6.42 26.17 0.13
N VAL D 267 5.17 26.03 0.55
CA VAL D 267 4.03 25.51 -0.24
C VAL D 267 2.76 26.07 0.39
N THR D 268 2.04 26.78 -0.44
CA THR D 268 0.80 27.45 -0.08
C THR D 268 -0.32 26.45 0.20
N VAL D 269 -1.26 26.88 1.05
CA VAL D 269 -2.43 26.07 1.38
C VAL D 269 -3.10 25.67 0.06
N ALA D 270 -3.42 26.72 -0.69
CA ALA D 270 -4.07 26.58 -1.98
C ALA D 270 -3.38 25.60 -2.91
N THR D 271 -2.07 25.51 -2.82
CA THR D 271 -1.31 24.59 -3.68
C THR D 271 -1.56 23.15 -3.17
N SER D 272 -1.41 22.99 -1.87
CA SER D 272 -1.62 21.72 -1.20
C SER D 272 -3.04 21.19 -1.49
N GLY D 273 -3.96 22.12 -1.56
CA GLY D 273 -5.36 21.73 -1.77
C GLY D 273 -6.02 21.40 -0.44
N GLN D 274 -5.38 21.74 0.68
CA GLN D 274 -5.98 21.46 2.00
C GLN D 274 -6.91 22.62 2.40
N PRO D 275 -8.07 22.33 3.00
CA PRO D 275 -9.01 23.37 3.39
C PRO D 275 -8.36 24.35 4.32
N PHE D 276 -7.52 23.78 5.18
CA PHE D 276 -6.74 24.52 6.18
C PHE D 276 -5.46 23.75 6.46
N ASN D 277 -4.73 24.15 7.48
CA ASN D 277 -3.43 23.53 7.71
C ASN D 277 -3.22 23.12 9.18
N LEU D 278 -2.35 22.10 9.29
CA LEU D 278 -1.93 21.45 10.56
C LEU D 278 -0.43 21.70 10.83
N ALA D 279 -0.14 22.18 12.01
CA ALA D 279 1.25 22.47 12.42
C ALA D 279 1.61 21.79 13.73
N ALA D 280 2.55 20.88 13.67
CA ALA D 280 3.03 20.14 14.86
C ALA D 280 3.97 21.08 15.65
N GLY D 281 4.34 22.18 15.00
CA GLY D 281 5.20 23.17 15.63
C GLY D 281 6.68 22.92 15.49
N ALA D 282 7.38 23.29 16.55
CA ALA D 282 8.84 23.17 16.64
C ALA D 282 9.24 21.71 16.72
N GLU D 283 10.28 21.41 15.97
CA GLU D 283 10.77 20.04 15.86
C GLU D 283 11.24 19.42 17.13
N ALA D 284 11.63 20.23 18.10
CA ALA D 284 12.13 19.61 19.36
C ALA D 284 10.98 19.34 20.31
N VAL D 285 9.82 19.78 19.84
CA VAL D 285 8.59 19.64 20.64
C VAL D 285 7.61 18.61 20.14
N SER D 286 7.40 18.45 18.86
CA SER D 286 6.45 17.47 18.30
C SER D 286 6.65 17.34 16.79
N GLY D 287 5.85 16.54 16.11
CA GLY D 287 6.01 16.44 14.64
C GLY D 287 5.03 15.45 14.04
N ILE D 288 4.82 15.53 12.75
CA ILE D 288 3.92 14.56 12.05
C ILE D 288 4.85 13.40 11.64
N VAL D 289 4.82 12.32 12.41
CA VAL D 289 5.69 11.19 12.08
C VAL D 289 5.02 10.10 11.26
N GLY D 290 3.75 10.24 10.98
CA GLY D 290 3.03 9.25 10.17
C GLY D 290 1.53 9.54 10.18
N TRP D 291 0.82 8.69 9.47
CA TRP D 291 -0.65 8.81 9.34
C TRP D 291 -1.26 7.43 9.03
N GLY D 292 -1.79 6.85 10.10
CA GLY D 292 -2.37 5.47 10.13
C GLY D 292 -3.72 5.34 9.39
N ASN D 293 -4.23 4.10 9.46
CA ASN D 293 -5.46 3.68 8.77
C ASN D 293 -6.65 3.65 9.69
N MET D 294 -7.05 4.81 10.13
CA MET D 294 -8.20 5.02 11.04
C MET D 294 -9.01 6.22 10.58
N ASP D 295 -10.31 6.29 10.72
CA ASP D 295 -10.99 7.55 10.25
C ASP D 295 -10.67 8.62 11.31
N THR D 296 -10.63 9.88 10.88
CA THR D 296 -10.35 10.92 11.89
C THR D 296 -11.67 11.20 12.62
N ILE D 297 -11.59 11.55 13.89
CA ILE D 297 -12.79 11.86 14.67
C ILE D 297 -12.86 13.40 14.82
N VAL D 298 -13.95 13.99 14.34
CA VAL D 298 -14.08 15.45 14.46
C VAL D 298 -14.97 15.72 15.68
N ILE D 299 -14.56 16.65 16.48
CA ILE D 299 -15.32 17.03 17.68
C ILE D 299 -15.46 18.56 17.59
N ARG D 300 -16.70 19.02 17.72
CA ARG D 300 -16.89 20.46 17.70
C ARG D 300 -17.62 20.90 18.97
N VAL D 301 -16.85 21.51 19.86
CA VAL D 301 -17.39 22.05 21.13
C VAL D 301 -17.81 23.50 20.84
N SER D 302 -19.02 23.81 21.24
CA SER D 302 -19.58 25.15 21.00
C SER D 302 -20.03 25.69 22.36
N ALA D 303 -19.69 26.95 22.61
CA ALA D 303 -20.07 27.53 23.90
C ALA D 303 -20.40 29.00 23.71
N PRO D 304 -21.56 29.37 24.24
CA PRO D 304 -22.03 30.76 24.19
C PRO D 304 -21.24 31.59 25.18
N THR D 305 -21.35 32.91 25.05
CA THR D 305 -20.70 33.88 25.96
C THR D 305 -21.37 33.76 27.32
N GLY D 306 -20.52 33.77 28.33
CA GLY D 306 -21.04 33.74 29.71
C GLY D 306 -21.10 32.31 30.18
N ALA D 307 -20.85 31.38 29.30
CA ALA D 307 -20.91 29.96 29.74
C ALA D 307 -19.56 29.51 30.26
N VAL D 308 -19.55 28.71 31.32
CA VAL D 308 -18.27 28.16 31.82
C VAL D 308 -18.38 26.62 31.72
N ASN D 309 -17.88 26.18 30.57
CA ASN D 309 -17.80 24.82 30.07
C ASN D 309 -16.38 24.24 30.25
N SER D 310 -16.28 23.33 31.19
CA SER D 310 -14.96 22.70 31.41
C SER D 310 -15.20 21.19 31.44
N ALA D 311 -14.13 20.50 31.07
CA ALA D 311 -14.13 19.04 30.97
C ALA D 311 -12.76 18.40 31.12
N ILE D 312 -12.85 17.08 31.24
CA ILE D 312 -11.65 16.26 31.30
C ILE D 312 -11.58 15.67 29.85
N LEU D 313 -10.54 16.05 29.13
CA LEU D 313 -10.38 15.47 27.80
C LEU D 313 -9.46 14.25 28.06
N LYS D 314 -9.86 13.12 27.57
CA LYS D 314 -9.12 11.86 27.65
C LYS D 314 -9.09 11.23 26.25
N THR D 315 -7.93 10.79 25.82
CA THR D 315 -7.65 10.15 24.55
C THR D 315 -6.78 8.89 24.79
N TRP D 316 -7.11 7.89 24.01
CA TRP D 316 -6.45 6.59 24.00
C TRP D 316 -6.09 6.23 22.56
N ALA D 317 -4.98 5.56 22.45
CA ALA D 317 -4.48 5.06 21.16
C ALA D 317 -3.53 3.89 21.43
N CYS D 318 -3.97 2.73 20.99
CA CYS D 318 -3.10 1.55 21.16
C CYS D 318 -2.46 1.21 19.81
N LEU D 319 -1.13 1.08 19.84
CA LEU D 319 -0.43 0.73 18.61
C LEU D 319 0.72 -0.26 18.83
N GLU D 320 0.99 -0.88 17.70
CA GLU D 320 2.03 -1.87 17.47
C GLU D 320 3.15 -1.21 16.66
N TYR D 321 4.32 -1.16 17.27
CA TYR D 321 5.51 -0.58 16.64
C TYR D 321 6.52 -1.67 16.33
N ARG D 322 7.24 -1.44 15.27
CA ARG D 322 8.33 -2.31 14.87
C ARG D 322 9.59 -1.75 15.50
N PRO D 323 10.05 -2.34 16.61
CA PRO D 323 11.23 -1.86 17.31
C PRO D 323 12.47 -2.03 16.47
N ASN D 324 13.36 -1.05 16.60
CA ASN D 324 14.69 -1.09 15.97
C ASN D 324 15.61 -1.76 17.02
N PRO D 325 16.39 -2.73 16.58
CA PRO D 325 17.29 -3.47 17.46
C PRO D 325 18.24 -2.59 18.25
N ASN D 326 18.48 -1.38 17.78
CA ASN D 326 19.35 -0.43 18.46
C ASN D 326 18.60 0.35 19.56
N ALA D 327 17.30 0.47 19.43
CA ALA D 327 16.42 1.21 20.34
C ALA D 327 16.46 0.58 21.73
N MET D 328 16.30 1.41 22.76
CA MET D 328 16.33 0.88 24.13
C MET D 328 14.97 0.39 24.61
N LEU D 329 13.96 0.56 23.78
CA LEU D 329 12.58 0.10 24.12
C LEU D 329 12.35 -1.30 23.58
N TYR D 330 13.38 -1.77 22.88
CA TYR D 330 13.29 -3.08 22.22
C TYR D 330 13.07 -4.22 23.18
N GLN D 331 13.77 -4.18 24.31
CA GLN D 331 13.70 -5.26 25.30
C GLN D 331 12.38 -5.34 26.04
N PHE D 332 11.44 -4.51 25.64
CA PHE D 332 10.09 -4.43 26.15
C PHE D 332 9.21 -5.05 25.04
N GLY D 333 9.84 -5.44 23.95
CA GLY D 333 9.15 -5.98 22.77
C GLY D 333 8.52 -7.33 23.03
N HIS D 334 7.80 -7.79 22.04
CA HIS D 334 7.08 -9.07 22.01
C HIS D 334 6.67 -9.43 20.60
N ASP D 335 6.02 -10.57 20.39
CA ASP D 335 5.55 -11.01 19.06
C ASP D 335 4.08 -10.63 18.82
N SER D 336 3.69 -10.08 17.69
CA SER D 336 2.21 -9.84 17.52
C SER D 336 1.55 -11.22 17.70
N PRO D 337 0.37 -11.28 18.26
CA PRO D 337 -0.31 -12.58 18.46
C PRO D 337 -0.84 -13.14 17.14
N PRO D 338 -0.99 -14.47 17.16
CA PRO D 338 -1.48 -15.27 16.06
C PRO D 338 -2.91 -14.95 15.63
N CYS D 339 -3.21 -15.30 14.38
CA CYS D 339 -4.50 -15.07 13.77
C CYS D 339 -5.67 -15.52 14.62
N ASP D 340 -6.59 -14.58 14.78
CA ASP D 340 -7.83 -14.88 15.54
C ASP D 340 -8.99 -14.43 14.63
N GLU D 341 -9.33 -15.37 13.78
CA GLU D 341 -10.36 -15.26 12.78
C GLU D 341 -11.68 -14.71 13.30
N VAL D 342 -12.06 -15.15 14.48
CA VAL D 342 -13.28 -14.77 15.17
C VAL D 342 -13.22 -13.33 15.68
N ALA D 343 -12.13 -12.97 16.32
CA ALA D 343 -11.91 -11.62 16.84
C ALA D 343 -11.95 -10.63 15.66
N LEU D 344 -11.23 -11.00 14.63
CA LEU D 344 -11.11 -10.19 13.40
C LEU D 344 -12.47 -9.91 12.77
N GLN D 345 -13.38 -10.87 12.84
CA GLN D 345 -14.71 -10.75 12.28
C GLN D 345 -15.60 -9.95 13.23
N GLU D 346 -15.66 -10.41 14.47
CA GLU D 346 -16.43 -9.78 15.53
C GLU D 346 -16.05 -8.31 15.68
N TYR D 347 -14.88 -7.96 15.19
CA TYR D 347 -14.35 -6.60 15.33
C TYR D 347 -15.04 -5.64 14.39
N ARG D 348 -15.19 -6.18 13.19
CA ARG D 348 -15.81 -5.49 12.06
C ARG D 348 -17.31 -5.32 12.26
N THR D 349 -17.96 -6.33 12.83
CA THR D 349 -19.43 -6.21 12.99
C THR D 349 -19.78 -5.35 14.18
N VAL D 350 -18.97 -5.44 15.23
CA VAL D 350 -19.18 -4.59 16.42
C VAL D 350 -18.97 -3.13 16.01
N ALA D 351 -17.97 -2.97 15.14
CA ALA D 351 -17.61 -1.63 14.62
C ALA D 351 -18.78 -1.00 13.88
N ARG D 352 -19.40 -1.72 12.98
CA ARG D 352 -20.53 -1.24 12.18
C ARG D 352 -21.81 -1.15 13.01
N SER D 353 -21.83 -1.78 14.17
CA SER D 353 -23.00 -1.73 15.03
C SER D 353 -23.03 -0.58 16.01
N LEU D 354 -21.95 0.10 16.31
CA LEU D 354 -22.00 1.20 17.30
C LEU D 354 -22.37 2.54 16.67
N PRO D 355 -22.90 3.41 17.52
CA PRO D 355 -23.30 4.76 17.11
C PRO D 355 -22.07 5.63 16.86
N VAL D 356 -22.24 6.74 16.17
CA VAL D 356 -21.12 7.65 15.87
C VAL D 356 -20.41 7.99 17.17
N ALA D 357 -21.21 8.12 18.22
CA ALA D 357 -20.71 8.38 19.59
C ALA D 357 -21.85 8.09 20.56
N VAL D 358 -21.49 8.18 21.83
CA VAL D 358 -22.36 7.99 22.99
C VAL D 358 -21.97 8.96 24.10
N ILE D 359 -22.95 9.30 24.92
CA ILE D 359 -22.75 10.17 26.07
C ILE D 359 -21.80 9.43 27.06
N ALA D 360 -20.98 10.21 27.74
CA ALA D 360 -19.91 9.75 28.68
C ALA D 360 -20.43 8.86 29.86
N ALA D 361 -21.74 8.84 30.07
CA ALA D 361 -22.38 8.01 31.13
C ALA D 361 -22.36 6.51 30.75
N GLN D 362 -22.21 6.20 29.48
CA GLN D 362 -22.14 4.79 29.04
C GLN D 362 -20.82 4.56 28.31
N ASN D 363 -19.72 4.50 29.07
CA ASN D 363 -18.42 4.41 28.42
C ASN D 363 -17.41 3.38 28.91
N ALA E 1 -25.41 1.29 29.63
CA ALA E 1 -24.71 0.41 30.58
C ALA E 1 -23.30 0.93 30.78
N SER E 2 -22.48 0.13 30.17
CA SER E 2 -21.05 0.30 29.99
C SER E 2 -20.81 -0.09 28.54
N MET E 3 -19.71 0.33 27.98
CA MET E 3 -19.45 0.07 26.55
C MET E 3 -19.05 -1.38 26.28
N TRP E 4 -18.49 -2.04 27.29
CA TRP E 4 -18.05 -3.45 27.15
C TRP E 4 -19.24 -4.37 27.34
N GLU E 5 -20.24 -3.85 28.04
CA GLU E 5 -21.49 -4.58 28.31
C GLU E 5 -22.45 -4.43 27.13
N ARG E 6 -22.14 -3.45 26.30
CA ARG E 6 -22.90 -3.17 25.07
C ARG E 6 -22.26 -3.97 23.94
N VAL E 7 -20.95 -3.96 23.97
CA VAL E 7 -20.11 -4.67 23.02
C VAL E 7 -20.28 -6.18 23.20
N LYS E 8 -20.24 -6.58 24.46
CA LYS E 8 -20.37 -7.99 24.85
C LYS E 8 -21.66 -8.60 24.29
N SER E 9 -22.71 -7.78 24.28
CA SER E 9 -24.03 -8.21 23.81
C SER E 9 -24.07 -8.37 22.28
N ILE E 10 -23.41 -7.45 21.59
CA ILE E 10 -23.37 -7.50 20.12
C ILE E 10 -22.75 -8.81 19.68
N ILE E 11 -21.64 -9.12 20.31
CA ILE E 11 -20.88 -10.35 20.03
C ILE E 11 -21.72 -11.58 20.33
N LYS E 12 -22.47 -11.52 21.42
CA LYS E 12 -23.32 -12.65 21.82
C LYS E 12 -24.47 -12.82 20.80
N SER E 13 -24.79 -11.74 20.11
CA SER E 13 -25.86 -11.76 19.10
C SER E 13 -25.48 -12.68 17.91
N SER E 14 -24.39 -12.30 17.23
CA SER E 14 -23.90 -13.00 16.01
C SER E 14 -22.95 -14.16 16.30
N LEU E 15 -22.98 -14.59 17.52
CA LEU E 15 -22.21 -15.75 17.93
C LEU E 15 -23.23 -16.76 18.39
N ALA E 16 -24.45 -16.36 18.08
CA ALA E 16 -25.64 -17.12 18.43
C ALA E 16 -26.72 -17.06 17.30
N THR F 20 -21.14 -14.59 -42.12
CA THR F 20 -21.63 -14.01 -40.82
C THR F 20 -21.78 -12.48 -40.74
N GLN F 21 -22.21 -12.09 -39.51
CA GLN F 21 -22.57 -10.69 -39.21
C GLN F 21 -22.51 -10.33 -37.68
N THR F 22 -22.85 -9.04 -37.46
CA THR F 22 -22.71 -8.28 -36.18
C THR F 22 -23.83 -8.45 -35.12
N ALA F 23 -23.29 -8.45 -33.90
CA ALA F 23 -24.00 -8.64 -32.62
C ALA F 23 -24.82 -7.43 -32.18
N PRO F 24 -25.97 -7.67 -31.54
CA PRO F 24 -26.82 -6.61 -31.05
C PRO F 24 -26.04 -5.80 -30.04
N VAL F 25 -26.65 -4.72 -29.60
CA VAL F 25 -26.02 -3.82 -28.63
C VAL F 25 -26.79 -3.84 -27.31
N PRO F 26 -26.13 -4.16 -26.20
CA PRO F 26 -26.76 -4.24 -24.92
C PRO F 26 -27.38 -2.94 -24.50
N GLN F 27 -28.68 -3.04 -24.38
CA GLN F 27 -29.55 -1.98 -23.86
C GLN F 27 -29.76 -2.30 -22.40
N GLN F 28 -29.93 -1.28 -21.62
CA GLN F 28 -30.12 -1.45 -20.18
C GLN F 28 -30.95 -0.33 -19.60
N ASN F 29 -31.45 -0.65 -18.43
CA ASN F 29 -32.28 0.25 -17.62
C ASN F 29 -33.58 0.57 -18.34
N VAL F 30 -33.91 -0.31 -19.27
CA VAL F 30 -35.18 -0.24 -20.00
C VAL F 30 -36.24 -0.72 -19.02
N PRO F 31 -37.20 0.12 -18.65
CA PRO F 31 -38.13 -0.20 -17.59
C PRO F 31 -38.94 -1.43 -17.83
N ALA F 55 -27.34 -23.94 -4.18
CA ALA F 55 -27.01 -24.30 -5.59
C ALA F 55 -25.77 -23.52 -5.91
N LEU F 56 -26.20 -22.30 -5.94
CA LEU F 56 -25.51 -21.05 -6.12
C LEU F 56 -25.97 -20.24 -4.92
N THR F 57 -26.23 -21.05 -3.89
CA THR F 57 -26.82 -20.64 -2.61
C THR F 57 -25.76 -20.36 -1.54
N ARG F 58 -24.61 -20.96 -1.73
CA ARG F 58 -23.49 -20.80 -0.81
C ARG F 58 -23.02 -19.35 -0.80
N LEU F 59 -23.30 -18.71 -1.91
CA LEU F 59 -22.94 -17.30 -2.14
C LEU F 59 -23.95 -16.37 -1.48
N SER F 60 -23.40 -15.43 -0.76
CA SER F 60 -24.19 -14.40 -0.11
C SER F 60 -24.78 -13.53 -1.20
N GLN F 61 -25.82 -12.86 -0.82
CA GLN F 61 -26.52 -11.95 -1.71
C GLN F 61 -25.53 -10.93 -2.30
N PRO F 62 -24.93 -10.02 -1.53
CA PRO F 62 -24.00 -9.06 -2.09
C PRO F 62 -22.86 -9.77 -2.77
N GLY F 63 -22.62 -10.98 -2.30
CA GLY F 63 -21.52 -11.84 -2.80
C GLY F 63 -21.69 -12.14 -4.29
N LEU F 64 -22.90 -12.52 -4.63
CA LEU F 64 -23.28 -12.89 -6.01
C LEU F 64 -23.28 -11.67 -6.94
N ALA F 65 -23.85 -10.59 -6.43
CA ALA F 65 -23.97 -9.32 -7.19
C ALA F 65 -22.59 -8.77 -7.57
N PHE F 66 -21.62 -9.19 -6.78
CA PHE F 66 -20.22 -8.74 -6.94
C PHE F 66 -19.53 -9.44 -8.12
N LEU F 67 -19.81 -10.72 -8.25
CA LEU F 67 -19.23 -11.53 -9.32
C LEU F 67 -19.87 -11.19 -10.64
N LYS F 68 -21.15 -10.93 -10.53
CA LYS F 68 -22.01 -10.58 -11.65
C LYS F 68 -21.52 -9.32 -12.36
N CYS F 69 -21.27 -8.31 -11.57
CA CYS F 69 -20.81 -7.00 -12.04
C CYS F 69 -19.35 -7.11 -12.52
N ALA F 70 -18.64 -8.01 -11.84
CA ALA F 70 -17.19 -8.23 -12.05
C ALA F 70 -16.84 -8.92 -13.39
N PHE F 71 -17.79 -9.62 -14.01
CA PHE F 71 -17.46 -10.38 -15.25
C PHE F 71 -18.50 -10.21 -16.33
N ALA F 72 -19.71 -9.83 -15.99
CA ALA F 72 -20.68 -9.68 -17.09
C ALA F 72 -21.74 -8.60 -16.88
N PRO F 73 -21.42 -7.29 -16.77
CA PRO F 73 -22.45 -6.25 -16.56
C PRO F 73 -23.45 -6.11 -17.72
N PRO F 74 -23.05 -6.29 -19.00
CA PRO F 74 -23.95 -6.07 -20.14
C PRO F 74 -25.19 -6.96 -20.19
N ASP F 75 -25.22 -7.99 -19.37
CA ASP F 75 -26.33 -8.98 -19.39
C ASP F 75 -27.55 -8.53 -18.58
N PHE F 76 -27.30 -7.66 -17.63
CA PHE F 76 -28.35 -7.17 -16.73
C PHE F 76 -28.88 -5.83 -17.17
N ASN F 77 -30.15 -5.69 -16.94
CA ASN F 77 -30.83 -4.47 -17.23
C ASN F 77 -30.34 -3.40 -16.24
N THR F 78 -30.05 -3.86 -15.03
CA THR F 78 -29.55 -3.00 -13.93
C THR F 78 -28.33 -3.65 -13.24
N ASP F 79 -27.42 -2.77 -12.82
CA ASP F 79 -26.15 -3.18 -12.19
C ASP F 79 -26.38 -3.66 -10.77
N PRO F 80 -26.18 -4.96 -10.61
CA PRO F 80 -26.41 -5.66 -9.36
C PRO F 80 -25.48 -5.19 -8.28
N GLY F 81 -24.32 -4.71 -8.70
CA GLY F 81 -23.24 -4.29 -7.78
C GLY F 81 -23.77 -3.52 -6.55
N LYS F 82 -23.19 -3.88 -5.40
CA LYS F 82 -23.47 -3.23 -4.10
C LYS F 82 -22.16 -2.80 -3.41
N GLY F 83 -21.14 -3.62 -3.58
CA GLY F 83 -19.82 -3.34 -2.98
C GLY F 83 -18.97 -4.60 -2.99
N ILE F 84 -17.78 -4.49 -2.47
CA ILE F 84 -16.85 -5.62 -2.40
C ILE F 84 -17.08 -6.37 -1.09
N PRO F 85 -17.55 -7.60 -1.25
CA PRO F 85 -17.85 -8.49 -0.12
C PRO F 85 -16.60 -8.99 0.57
N ASP F 86 -15.82 -8.06 1.08
CA ASP F 86 -14.56 -8.40 1.78
C ASP F 86 -14.66 -7.91 3.22
N ARG F 87 -13.55 -8.04 3.91
CA ARG F 87 -13.39 -7.72 5.31
C ARG F 87 -13.80 -6.34 5.76
N PHE F 88 -13.66 -5.35 4.90
CA PHE F 88 -14.03 -3.95 5.24
C PHE F 88 -15.54 -3.79 5.09
N GLU F 89 -16.09 -3.16 6.11
CA GLU F 89 -17.51 -2.84 6.23
C GLU F 89 -17.76 -1.39 6.60
N GLY F 90 -16.99 -0.48 6.04
CA GLY F 90 -17.05 0.96 6.29
C GLY F 90 -17.95 1.68 5.29
N LYS F 91 -18.06 2.97 5.47
CA LYS F 91 -18.88 3.86 4.65
C LYS F 91 -18.24 4.06 3.28
N VAL F 92 -19.05 3.83 2.27
CA VAL F 92 -18.65 3.92 0.87
C VAL F 92 -19.89 4.24 0.01
N VAL F 93 -19.64 4.85 -1.13
CA VAL F 93 -20.71 5.04 -2.14
C VAL F 93 -20.24 4.33 -3.38
N THR F 94 -20.97 3.31 -3.75
CA THR F 94 -20.61 2.48 -4.89
C THR F 94 -21.05 3.16 -6.20
N ARG F 95 -20.06 3.78 -6.84
CA ARG F 95 -20.26 4.49 -8.11
C ARG F 95 -20.33 3.47 -9.26
N LYS F 96 -21.29 3.68 -10.13
CA LYS F 96 -21.51 2.79 -11.27
C LYS F 96 -21.35 3.56 -12.59
N ASP F 97 -20.15 3.61 -13.10
CA ASP F 97 -19.75 4.30 -14.30
C ASP F 97 -20.00 3.55 -15.59
N VAL F 98 -20.66 4.18 -16.53
CA VAL F 98 -20.86 3.51 -17.83
C VAL F 98 -20.68 4.56 -18.93
N LEU F 99 -20.01 4.13 -19.97
CA LEU F 99 -19.75 4.97 -21.13
C LEU F 99 -20.29 4.28 -22.40
N ASN F 100 -20.96 5.12 -23.14
CA ASN F 100 -21.53 4.74 -24.46
C ASN F 100 -20.80 5.71 -25.41
N GLN F 101 -19.79 5.19 -26.07
CA GLN F 101 -19.00 6.08 -26.96
C GLN F 101 -18.98 5.58 -28.40
N SER F 102 -19.39 6.53 -29.24
CA SER F 102 -19.37 6.23 -30.71
C SER F 102 -17.89 6.35 -31.06
N ILE F 103 -17.37 5.46 -31.86
CA ILE F 103 -15.92 5.58 -32.19
C ILE F 103 -15.59 5.15 -33.60
N ASN F 104 -15.00 6.04 -34.38
CA ASN F 104 -14.60 5.70 -35.78
C ASN F 104 -13.12 5.36 -35.74
N PHE F 105 -12.75 4.21 -36.25
CA PHE F 105 -11.32 3.80 -36.30
C PHE F 105 -10.82 4.26 -37.66
N THR F 106 -9.87 5.16 -37.68
CA THR F 106 -9.39 5.70 -38.95
C THR F 106 -8.41 4.83 -39.68
N ALA F 107 -8.76 4.55 -40.93
CA ALA F 107 -8.09 3.72 -41.89
C ALA F 107 -6.63 4.01 -42.04
N ASN F 108 -5.92 2.90 -42.08
CA ASN F 108 -4.50 2.91 -42.31
C ASN F 108 -3.78 3.49 -41.11
N ARG F 109 -4.20 2.97 -40.00
CA ARG F 109 -3.64 3.25 -38.69
C ARG F 109 -4.05 2.13 -37.73
N ASP F 110 -3.34 2.05 -36.62
CA ASP F 110 -3.69 1.05 -35.59
C ASP F 110 -4.14 1.94 -34.42
N THR F 111 -5.35 1.77 -33.93
CA THR F 111 -5.78 2.62 -32.81
C THR F 111 -5.49 1.88 -31.54
N PHE F 112 -4.91 2.53 -30.57
CA PHE F 112 -4.59 1.83 -29.29
C PHE F 112 -5.54 2.37 -28.23
N ILE F 113 -6.18 1.45 -27.53
CA ILE F 113 -7.09 1.85 -26.45
C ILE F 113 -6.61 1.24 -25.15
N LEU F 114 -6.52 2.11 -24.15
CA LEU F 114 -6.09 1.63 -22.83
C LEU F 114 -7.27 1.79 -21.86
N ILE F 115 -7.60 0.69 -21.22
CA ILE F 115 -8.64 0.70 -20.16
C ILE F 115 -7.80 0.56 -18.88
N ALA F 116 -7.50 1.73 -18.30
CA ALA F 116 -6.66 1.81 -17.09
C ALA F 116 -7.45 2.22 -15.86
N PRO F 117 -7.06 1.78 -14.68
CA PRO F 117 -7.75 2.07 -13.44
C PRO F 117 -7.54 3.48 -12.91
N THR F 118 -7.96 4.41 -13.74
CA THR F 118 -7.90 5.85 -13.47
C THR F 118 -9.34 6.30 -13.22
N PRO F 119 -9.67 6.52 -11.95
CA PRO F 119 -11.03 6.96 -11.57
C PRO F 119 -11.45 8.18 -12.39
N GLY F 120 -12.67 8.12 -12.90
CA GLY F 120 -13.33 9.14 -13.66
C GLY F 120 -13.16 9.11 -15.15
N VAL F 121 -12.06 8.57 -15.67
CA VAL F 121 -11.84 8.54 -17.15
C VAL F 121 -11.98 7.12 -17.63
N ALA F 122 -12.79 6.93 -18.67
CA ALA F 122 -13.06 5.59 -19.17
C ALA F 122 -11.96 4.93 -19.94
N TYR F 123 -11.29 5.64 -20.85
CA TYR F 123 -10.20 4.94 -21.61
C TYR F 123 -9.25 5.96 -22.16
N TRP F 124 -8.09 5.53 -22.61
CA TRP F 124 -7.07 6.47 -23.18
C TRP F 124 -6.86 6.04 -24.63
N VAL F 125 -6.99 6.93 -25.60
CA VAL F 125 -6.82 6.46 -26.98
C VAL F 125 -5.69 7.17 -27.72
N ALA F 126 -5.23 6.47 -28.74
CA ALA F 126 -4.18 6.97 -29.62
C ALA F 126 -4.06 6.06 -30.83
N ASP F 127 -3.73 6.67 -31.95
CA ASP F 127 -3.55 5.84 -33.16
C ASP F 127 -2.18 6.22 -33.75
N VAL F 128 -1.62 5.23 -34.39
CA VAL F 128 -0.33 5.36 -35.05
C VAL F 128 -0.41 4.73 -36.45
N PRO F 129 0.64 4.97 -37.23
CA PRO F 129 0.74 4.39 -38.57
C PRO F 129 0.59 2.87 -38.43
N ALA F 130 -0.24 2.34 -39.30
CA ALA F 130 -0.53 0.92 -39.37
C ALA F 130 0.77 0.11 -39.31
N GLY F 131 0.76 -0.94 -38.53
CA GLY F 131 1.90 -1.82 -38.39
C GLY F 131 2.88 -1.36 -37.34
N THR F 132 2.63 -0.25 -36.68
CA THR F 132 3.62 0.22 -35.67
C THR F 132 3.02 0.33 -34.29
N PHE F 133 3.81 0.77 -33.33
CA PHE F 133 3.36 0.98 -31.94
C PHE F 133 3.73 2.40 -31.48
N PRO F 134 3.14 2.78 -30.35
CA PRO F 134 3.39 4.12 -29.79
C PRO F 134 4.88 4.39 -29.64
N ILE F 135 5.24 5.65 -29.82
CA ILE F 135 6.65 6.08 -29.70
C ILE F 135 6.68 7.17 -28.63
N SER F 136 7.88 7.54 -28.22
CA SER F 136 8.03 8.56 -27.17
C SER F 136 7.19 9.79 -27.50
N THR F 137 7.06 9.93 -28.80
CA THR F 137 6.33 11.03 -29.42
C THR F 137 4.83 10.96 -29.23
N THR F 138 4.34 9.76 -29.07
CA THR F 138 2.91 9.44 -28.91
C THR F 138 2.37 10.06 -27.63
N THR F 139 1.09 10.38 -27.64
CA THR F 139 0.47 10.92 -26.42
C THR F 139 -1.01 10.54 -26.40
N PHE F 140 -1.33 9.69 -25.44
CA PHE F 140 -2.69 9.18 -25.23
C PHE F 140 -3.56 10.22 -24.53
N ASN F 141 -4.63 10.59 -25.15
CA ASN F 141 -5.57 11.58 -24.56
C ASN F 141 -6.74 10.75 -23.98
N ALA F 142 -7.19 11.20 -22.83
CA ALA F 142 -8.26 10.57 -22.06
C ALA F 142 -9.68 10.90 -22.47
N VAL F 143 -10.54 9.88 -22.36
CA VAL F 143 -11.98 10.04 -22.64
C VAL F 143 -12.68 9.78 -21.29
N ASN F 144 -13.40 10.72 -20.77
CA ASN F 144 -14.08 10.65 -19.49
C ASN F 144 -15.42 9.89 -19.50
N PHE F 145 -15.71 9.44 -18.29
CA PHE F 145 -17.03 8.78 -18.01
C PHE F 145 -17.92 10.02 -17.70
N PRO F 146 -19.18 9.98 -18.01
CA PRO F 146 -20.05 11.14 -17.69
C PRO F 146 -19.91 11.43 -16.20
N GLY F 147 -20.10 12.65 -15.77
CA GLY F 147 -20.05 13.07 -14.37
C GLY F 147 -18.69 13.29 -13.75
N PHE F 148 -17.67 13.64 -14.52
CA PHE F 148 -16.30 13.86 -14.04
C PHE F 148 -16.16 15.09 -13.16
N ASN F 149 -16.47 16.27 -13.66
CA ASN F 149 -16.34 17.50 -12.88
C ASN F 149 -17.29 17.46 -11.68
N SER F 150 -18.41 16.83 -11.91
CA SER F 150 -19.43 16.78 -10.83
C SER F 150 -18.83 16.09 -9.61
N MET F 151 -17.96 15.17 -9.99
CA MET F 151 -17.28 14.30 -9.01
C MET F 151 -15.91 14.79 -8.62
N PHE F 152 -15.05 15.15 -9.58
CA PHE F 152 -13.69 15.56 -9.26
C PHE F 152 -13.32 17.02 -9.37
N GLY F 153 -14.26 17.89 -9.65
CA GLY F 153 -13.99 19.33 -9.74
C GLY F 153 -13.54 19.81 -11.07
N ASN F 154 -13.15 21.07 -11.11
CA ASN F 154 -12.71 21.76 -12.33
C ASN F 154 -11.36 22.42 -12.14
N ALA F 155 -10.51 21.86 -11.30
CA ALA F 155 -9.15 22.38 -11.05
C ALA F 155 -8.32 21.25 -10.42
N ALA F 156 -7.06 21.20 -10.82
CA ALA F 156 -6.12 20.19 -10.38
C ALA F 156 -5.95 19.97 -8.91
N ALA F 157 -6.24 20.88 -8.00
CA ALA F 157 -6.03 20.54 -6.58
C ALA F 157 -7.38 20.47 -5.89
N SER F 158 -8.41 20.25 -6.68
CA SER F 158 -9.79 20.17 -6.20
C SER F 158 -10.33 18.75 -6.24
N ARG F 159 -9.47 17.85 -6.61
CA ARG F 159 -9.81 16.46 -6.79
C ARG F 159 -10.30 15.67 -5.61
N SER F 160 -10.08 16.08 -4.39
CA SER F 160 -10.61 15.20 -3.28
C SER F 160 -11.55 15.96 -2.36
N ASP F 161 -12.30 16.87 -2.97
CA ASP F 161 -13.26 17.72 -2.26
C ASP F 161 -14.43 16.94 -1.69
N GLN F 162 -14.85 15.91 -2.37
CA GLN F 162 -15.98 15.04 -2.05
C GLN F 162 -15.70 13.58 -1.72
N VAL F 163 -14.60 13.09 -2.26
CA VAL F 163 -14.17 11.67 -2.08
C VAL F 163 -12.69 11.66 -1.73
N SER F 164 -12.32 10.95 -0.68
CA SER F 164 -10.93 10.88 -0.22
C SER F 164 -10.16 9.72 -0.82
N SER F 165 -10.78 8.59 -1.08
CA SER F 165 -10.08 7.42 -1.65
C SER F 165 -11.12 6.52 -2.33
N PHE F 166 -10.63 5.57 -3.10
CA PHE F 166 -11.49 4.66 -3.87
C PHE F 166 -10.84 3.29 -3.98
N ARG F 167 -11.60 2.39 -4.58
CA ARG F 167 -11.11 1.00 -4.79
C ARG F 167 -12.01 0.38 -5.84
N TYR F 168 -11.41 -0.16 -6.90
CA TYR F 168 -12.18 -0.78 -7.98
C TYR F 168 -12.77 -2.14 -7.63
N ALA F 169 -13.96 -2.34 -8.17
CA ALA F 169 -14.65 -3.61 -7.95
C ALA F 169 -14.71 -4.37 -9.28
N SER F 170 -14.84 -3.59 -10.35
CA SER F 170 -14.97 -4.13 -11.72
C SER F 170 -14.50 -3.14 -12.74
N MET F 171 -14.09 -3.68 -13.87
CA MET F 171 -13.61 -2.86 -15.01
C MET F 171 -13.69 -3.70 -16.30
N ASN F 172 -14.70 -3.40 -17.13
CA ASN F 172 -14.95 -4.11 -18.40
C ASN F 172 -15.15 -3.14 -19.58
N VAL F 173 -14.86 -3.70 -20.75
CA VAL F 173 -14.99 -3.04 -22.07
C VAL F 173 -15.74 -3.92 -23.04
N GLY F 174 -16.39 -3.25 -23.97
CA GLY F 174 -17.16 -3.90 -25.02
C GLY F 174 -17.21 -3.01 -26.25
N ILE F 175 -16.74 -3.56 -27.34
CA ILE F 175 -16.76 -2.89 -28.64
C ILE F 175 -17.75 -3.64 -29.55
N TYR F 176 -18.80 -2.96 -29.92
CA TYR F 176 -19.89 -3.44 -30.79
C TYR F 176 -19.82 -2.76 -32.14
N PRO F 177 -19.16 -3.41 -33.10
CA PRO F 177 -18.96 -2.83 -34.44
C PRO F 177 -20.26 -2.38 -35.06
N THR F 178 -20.24 -1.24 -35.73
CA THR F 178 -21.48 -0.75 -36.37
C THR F 178 -21.24 -0.57 -37.87
N SER F 179 -20.24 -1.31 -38.37
CA SER F 179 -19.95 -1.23 -39.82
C SER F 179 -20.82 -2.25 -40.56
N ASN F 180 -20.86 -2.08 -41.86
CA ASN F 180 -21.64 -3.02 -42.74
C ASN F 180 -20.65 -4.14 -43.11
N LEU F 181 -21.11 -5.32 -43.43
CA LEU F 181 -20.27 -6.48 -43.68
C LEU F 181 -19.57 -6.42 -45.02
N MET F 182 -19.68 -5.28 -45.66
CA MET F 182 -19.08 -5.12 -47.01
C MET F 182 -17.90 -4.18 -47.04
N GLN F 183 -17.79 -3.28 -46.07
CA GLN F 183 -16.72 -2.29 -46.01
C GLN F 183 -15.80 -2.28 -44.83
N PHE F 184 -15.99 -3.18 -43.88
CA PHE F 184 -15.11 -3.22 -42.70
C PHE F 184 -13.87 -4.02 -43.14
N ALA F 185 -12.87 -3.96 -42.30
CA ALA F 185 -11.62 -4.70 -42.52
C ALA F 185 -10.73 -4.45 -41.30
N GLY F 186 -9.93 -5.42 -40.97
CA GLY F 186 -9.04 -5.30 -39.83
C GLY F 186 -9.30 -6.36 -38.77
N SER F 187 -8.54 -6.20 -37.70
CA SER F 187 -8.59 -7.12 -36.55
C SER F 187 -8.63 -6.28 -35.27
N ILE F 188 -9.02 -6.94 -34.23
CA ILE F 188 -9.10 -6.46 -32.86
C ILE F 188 -8.21 -7.42 -32.03
N THR F 189 -7.35 -6.79 -31.25
CA THR F 189 -6.39 -7.51 -30.42
C THR F 189 -6.35 -6.95 -28.99
N VAL F 190 -6.59 -7.86 -28.06
CA VAL F 190 -6.59 -7.58 -26.64
C VAL F 190 -5.49 -8.34 -25.89
N TRP F 191 -4.92 -7.61 -24.96
CA TRP F 191 -3.87 -8.14 -24.05
C TRP F 191 -3.91 -7.24 -22.82
N LYS F 192 -3.38 -7.75 -21.71
CA LYS F 192 -3.43 -6.90 -20.48
C LYS F 192 -2.07 -6.78 -19.84
N CYS F 193 -1.82 -5.54 -19.40
CA CYS F 193 -0.56 -5.17 -18.77
C CYS F 193 -0.72 -4.77 -17.32
N PRO F 194 0.29 -5.09 -16.53
CA PRO F 194 0.30 -4.73 -15.08
C PRO F 194 1.00 -3.40 -14.89
N VAL F 195 0.42 -2.34 -15.42
CA VAL F 195 0.94 -0.98 -15.31
C VAL F 195 0.70 -0.43 -13.88
N LYS F 196 1.73 -0.12 -13.14
CA LYS F 196 1.56 0.41 -11.78
C LYS F 196 2.11 1.84 -11.75
N LEU F 197 1.69 2.60 -10.76
CA LEU F 197 2.14 3.99 -10.59
C LEU F 197 3.16 4.11 -9.44
N SER F 198 4.40 4.25 -9.90
CA SER F 198 5.61 4.36 -9.05
C SER F 198 6.15 5.80 -9.10
N ASN F 199 7.42 5.92 -8.73
CA ASN F 199 8.15 7.20 -8.75
C ASN F 199 9.50 7.05 -9.51
N VAL F 200 10.00 8.24 -9.88
CA VAL F 200 11.31 8.46 -10.57
C VAL F 200 12.05 9.54 -9.83
N GLN F 201 13.15 9.11 -9.34
CA GLN F 201 14.05 9.94 -8.59
C GLN F 201 15.21 10.27 -9.54
N PHE F 202 15.36 11.61 -9.75
CA PHE F 202 16.41 12.18 -10.66
C PHE F 202 16.95 13.55 -10.24
N PRO F 203 18.28 13.66 -10.23
CA PRO F 203 18.96 14.90 -9.90
C PRO F 203 18.66 15.97 -10.92
N VAL F 204 18.48 17.19 -10.42
CA VAL F 204 18.24 18.38 -11.26
C VAL F 204 19.38 19.40 -11.04
N ALA F 205 19.47 20.35 -11.96
CA ALA F 205 20.53 21.38 -11.96
C ALA F 205 20.04 22.73 -11.42
N THR F 206 19.46 22.64 -10.24
CA THR F 206 18.95 23.79 -9.50
C THR F 206 20.15 24.32 -8.66
N THR F 207 20.39 25.64 -8.71
CA THR F 207 21.58 26.24 -8.04
C THR F 207 21.74 25.75 -6.59
N PRO F 208 20.79 25.84 -5.64
CA PRO F 208 21.06 25.23 -4.36
C PRO F 208 21.39 23.79 -4.69
N ALA F 209 20.89 23.45 -5.88
CA ALA F 209 21.08 22.13 -6.57
C ALA F 209 20.28 21.03 -5.84
N THR F 210 19.36 20.38 -6.57
CA THR F 210 18.46 19.36 -5.95
C THR F 210 18.36 18.03 -6.71
N SER F 211 17.55 17.20 -6.04
CA SER F 211 17.17 15.84 -6.44
C SER F 211 15.62 15.76 -6.48
N ALA F 212 15.11 15.32 -7.61
CA ALA F 212 13.66 15.24 -7.83
C ALA F 212 13.12 13.81 -7.67
N LEU F 213 11.84 13.80 -7.39
CA LEU F 213 11.00 12.59 -7.25
C LEU F 213 9.60 12.98 -7.78
N VAL F 214 9.24 12.28 -8.84
CA VAL F 214 7.97 12.51 -9.52
C VAL F 214 7.32 11.17 -9.85
N HIS F 215 6.04 11.31 -10.17
CA HIS F 215 5.20 10.15 -10.50
C HIS F 215 5.64 9.63 -11.87
N THR F 216 5.58 8.30 -11.97
CA THR F 216 5.94 7.65 -13.23
C THR F 216 5.19 6.34 -13.37
N LEU F 217 4.63 6.12 -14.53
CA LEU F 217 3.92 4.87 -14.82
C LEU F 217 4.98 3.80 -15.16
N VAL F 218 4.95 2.73 -14.39
CA VAL F 218 5.83 1.58 -14.62
C VAL F 218 4.95 0.48 -15.26
N GLY F 219 5.48 -0.14 -16.29
CA GLY F 219 4.77 -1.22 -16.97
C GLY F 219 4.14 -0.89 -18.30
N LEU F 220 4.32 0.31 -18.77
CA LEU F 220 3.77 0.85 -20.01
C LEU F 220 4.43 0.29 -21.25
N ASP F 221 5.58 -0.37 -21.14
CA ASP F 221 6.26 -0.90 -22.33
C ASP F 221 5.49 -2.14 -22.82
N GLY F 222 4.51 -2.50 -22.03
CA GLY F 222 3.69 -3.69 -22.33
C GLY F 222 2.78 -3.42 -23.54
N VAL F 223 2.49 -2.13 -23.71
CA VAL F 223 1.65 -1.65 -24.81
C VAL F 223 2.42 -1.77 -26.12
N LEU F 224 3.74 -1.82 -26.01
CA LEU F 224 4.67 -1.89 -27.14
C LEU F 224 4.70 -3.19 -27.93
N ALA F 225 4.00 -4.22 -27.53
CA ALA F 225 4.02 -5.49 -28.29
C ALA F 225 2.75 -6.28 -28.03
N VAL F 226 2.28 -7.04 -28.99
CA VAL F 226 1.07 -7.85 -28.68
C VAL F 226 1.53 -8.87 -27.63
N GLY F 227 0.93 -8.90 -26.45
CA GLY F 227 1.41 -9.85 -25.41
C GLY F 227 1.07 -11.27 -25.82
N PRO F 228 1.91 -12.22 -25.45
CA PRO F 228 1.70 -13.65 -25.78
C PRO F 228 0.30 -14.10 -25.37
N ASP F 229 -0.16 -13.75 -24.18
CA ASP F 229 -1.55 -14.12 -23.79
C ASP F 229 -2.44 -13.00 -24.38
N ASN F 230 -2.98 -13.24 -25.56
CA ASN F 230 -3.83 -12.21 -26.18
C ASN F 230 -5.01 -12.84 -26.91
N PHE F 231 -5.85 -11.96 -27.40
CA PHE F 231 -7.03 -12.29 -28.20
C PHE F 231 -6.96 -11.48 -29.49
N SER F 232 -7.19 -12.15 -30.59
CA SER F 232 -7.15 -11.47 -31.91
C SER F 232 -8.27 -12.05 -32.76
N GLU F 233 -9.03 -11.22 -33.44
CA GLU F 233 -10.08 -11.71 -34.33
C GLU F 233 -10.54 -10.63 -35.28
N SER F 234 -11.39 -11.07 -36.21
CA SER F 234 -11.90 -10.11 -37.22
C SER F 234 -12.60 -8.99 -36.48
N PHE F 235 -12.37 -7.79 -36.95
CA PHE F 235 -12.98 -6.60 -36.35
C PHE F 235 -14.53 -6.63 -36.32
N ILE F 236 -15.13 -7.08 -37.41
CA ILE F 236 -16.60 -7.12 -37.53
C ILE F 236 -17.22 -8.16 -36.57
N LYS F 237 -16.49 -8.46 -35.51
CA LYS F 237 -16.93 -9.46 -34.52
C LYS F 237 -16.91 -8.88 -33.10
N GLY F 238 -16.39 -7.67 -33.04
CA GLY F 238 -16.25 -6.91 -31.79
C GLY F 238 -15.47 -7.73 -30.76
N VAL F 239 -15.49 -7.23 -29.55
CA VAL F 239 -14.83 -7.87 -28.39
C VAL F 239 -15.56 -7.42 -27.11
N PHE F 240 -15.20 -8.07 -26.05
CA PHE F 240 -15.71 -7.80 -24.69
C PHE F 240 -14.69 -8.55 -23.81
N SER F 241 -13.95 -7.80 -23.01
CA SER F 241 -12.92 -8.43 -22.13
C SER F 241 -13.10 -7.79 -20.77
N GLN F 242 -12.47 -8.28 -19.75
CA GLN F 242 -12.58 -7.71 -18.39
C GLN F 242 -11.21 -7.77 -17.69
N SER F 243 -11.16 -7.00 -16.61
CA SER F 243 -9.95 -6.98 -15.77
C SER F 243 -10.29 -7.47 -14.37
N VAL F 244 -9.32 -7.86 -13.58
CA VAL F 244 -9.56 -8.29 -12.20
C VAL F 244 -8.46 -7.65 -11.32
N CYS F 245 -8.81 -7.55 -10.05
CA CYS F 245 -7.87 -6.99 -9.07
C CYS F 245 -6.53 -7.69 -9.16
N ASN F 246 -5.45 -6.94 -9.23
CA ASN F 246 -4.11 -7.51 -9.36
C ASN F 246 -3.40 -7.62 -8.01
N GLU F 247 -4.17 -7.77 -6.97
CA GLU F 247 -3.57 -7.93 -5.64
C GLU F 247 -4.37 -8.94 -4.82
N PRO F 248 -3.73 -9.66 -3.88
CA PRO F 248 -4.37 -10.71 -3.12
C PRO F 248 -5.59 -10.23 -2.34
N ASP F 249 -5.75 -8.93 -2.23
CA ASP F 249 -6.92 -8.37 -1.51
C ASP F 249 -7.38 -7.07 -2.20
N PHE F 250 -8.31 -6.37 -1.53
CA PHE F 250 -8.94 -5.16 -2.09
C PHE F 250 -8.80 -3.93 -1.21
N GLU F 251 -7.72 -3.20 -1.40
CA GLU F 251 -7.45 -2.02 -0.58
C GLU F 251 -7.78 -0.75 -1.31
N PHE F 252 -7.77 0.28 -0.51
CA PHE F 252 -8.09 1.60 -0.95
C PHE F 252 -6.86 2.34 -1.42
N SER F 253 -7.02 2.91 -2.60
CA SER F 253 -6.02 3.77 -3.20
C SER F 253 -6.41 5.21 -2.83
N ASP F 254 -5.45 6.10 -2.69
CA ASP F 254 -5.75 7.50 -2.34
C ASP F 254 -5.98 8.33 -3.60
N ILE F 255 -6.77 9.37 -3.42
CA ILE F 255 -7.08 10.34 -4.52
C ILE F 255 -5.74 11.11 -4.63
N LEU F 256 -5.37 11.48 -5.83
CA LEU F 256 -4.10 12.19 -6.06
C LEU F 256 -4.33 13.62 -6.51
N GLU F 257 -3.68 14.58 -5.89
CA GLU F 257 -3.89 15.99 -6.34
C GLU F 257 -2.83 16.52 -7.34
N GLY F 258 -3.38 17.27 -8.31
CA GLY F 258 -2.65 18.07 -9.33
C GLY F 258 -2.03 17.32 -10.53
N ILE F 259 -2.43 16.10 -10.83
CA ILE F 259 -1.82 15.37 -11.98
C ILE F 259 -2.69 15.52 -13.24
N GLN F 260 -2.11 16.13 -14.27
CA GLN F 260 -2.83 16.37 -15.54
C GLN F 260 -2.23 15.53 -16.64
N THR F 261 -0.98 15.75 -16.84
CA THR F 261 -0.23 14.92 -17.74
C THR F 261 0.73 14.12 -16.89
N LEU F 262 1.11 13.04 -17.48
CA LEU F 262 2.01 12.06 -16.91
C LEU F 262 2.89 11.61 -18.07
N PRO F 263 4.20 11.92 -18.19
CA PRO F 263 4.98 12.67 -17.23
C PRO F 263 4.48 14.07 -16.99
N PRO F 264 4.66 14.55 -15.76
CA PRO F 264 4.28 15.90 -15.40
C PRO F 264 5.09 16.89 -16.19
N ALA F 265 4.57 18.10 -16.27
CA ALA F 265 5.27 19.18 -16.96
C ALA F 265 6.69 19.26 -16.41
N ASN F 266 7.54 19.80 -17.21
CA ASN F 266 8.91 20.08 -16.81
C ASN F 266 9.60 18.80 -16.35
N VAL F 267 9.12 17.71 -16.90
CA VAL F 267 9.72 16.38 -16.75
C VAL F 267 9.64 15.76 -18.13
N THR F 268 10.78 15.47 -18.72
CA THR F 268 10.73 14.93 -20.11
C THR F 268 10.40 13.46 -20.04
N VAL F 269 10.06 12.98 -21.19
CA VAL F 269 9.61 11.61 -21.39
C VAL F 269 10.73 10.61 -21.28
N ALA F 270 11.92 11.10 -21.33
CA ALA F 270 13.08 10.24 -21.22
C ALA F 270 13.47 10.14 -19.75
N THR F 271 13.19 11.20 -19.02
CA THR F 271 13.50 11.28 -17.59
C THR F 271 12.66 10.27 -16.81
N SER F 272 11.38 10.37 -17.09
CA SER F 272 10.32 9.56 -16.46
C SER F 272 10.45 8.07 -16.79
N GLY F 273 11.21 7.80 -17.82
CA GLY F 273 11.49 6.43 -18.28
C GLY F 273 10.22 5.75 -18.86
N GLN F 274 9.27 6.55 -19.33
CA GLN F 274 8.02 6.02 -19.93
C GLN F 274 8.16 5.93 -21.44
N PRO F 275 7.46 5.00 -22.08
CA PRO F 275 7.51 4.88 -23.55
C PRO F 275 6.73 5.98 -24.26
N PHE F 276 5.77 6.61 -23.63
CA PHE F 276 4.93 7.66 -24.22
C PHE F 276 4.28 8.46 -23.08
N ASN F 277 3.26 9.23 -23.44
CA ASN F 277 2.52 10.09 -22.55
C ASN F 277 1.01 9.82 -22.44
N LEU F 278 0.51 10.34 -21.31
CA LEU F 278 -0.92 10.29 -20.99
C LEU F 278 -1.35 11.71 -20.59
N ALA F 279 -2.02 12.46 -21.50
CA ALA F 279 -2.45 13.82 -21.15
C ALA F 279 -3.94 13.71 -20.84
N ALA F 280 -4.36 14.38 -19.80
CA ALA F 280 -5.78 14.35 -19.40
C ALA F 280 -6.38 15.70 -19.77
N GLY F 281 -5.52 16.49 -20.39
CA GLY F 281 -5.95 17.83 -20.83
C GLY F 281 -5.98 18.87 -19.75
N ALA F 282 -6.92 19.78 -19.93
CA ALA F 282 -7.21 20.91 -19.08
C ALA F 282 -7.79 20.41 -17.75
N GLU F 283 -7.48 21.15 -16.69
CA GLU F 283 -7.99 20.88 -15.35
C GLU F 283 -9.52 20.80 -15.38
N ALA F 284 -10.03 21.85 -15.98
CA ALA F 284 -11.47 22.05 -16.16
C ALA F 284 -12.16 20.89 -16.88
N VAL F 285 -11.36 20.04 -17.51
CA VAL F 285 -11.90 18.94 -18.32
C VAL F 285 -11.76 17.59 -17.61
N SER F 286 -10.53 17.20 -17.38
CA SER F 286 -10.26 15.88 -16.77
C SER F 286 -8.93 15.91 -16.01
N GLY F 287 -8.42 14.73 -15.78
CA GLY F 287 -7.16 14.53 -15.06
C GLY F 287 -7.04 13.09 -14.60
N ILE F 288 -5.87 12.81 -14.06
CA ILE F 288 -5.53 11.52 -13.47
C ILE F 288 -5.63 11.68 -11.96
N VAL F 289 -6.71 11.18 -11.40
CA VAL F 289 -6.96 11.41 -9.98
C VAL F 289 -6.56 10.24 -9.10
N GLY F 290 -6.07 9.17 -9.66
CA GLY F 290 -5.62 7.99 -8.92
C GLY F 290 -5.25 6.86 -9.88
N TRP F 291 -4.77 5.77 -9.31
CA TRP F 291 -4.38 4.58 -10.13
C TRP F 291 -4.66 3.36 -9.25
N GLY F 292 -5.79 2.72 -9.50
CA GLY F 292 -6.27 1.57 -8.75
C GLY F 292 -5.48 0.30 -9.08
N ASN F 293 -5.84 -0.80 -8.39
CA ASN F 293 -5.15 -2.06 -8.63
C ASN F 293 -5.81 -3.00 -9.62
N MET F 294 -5.87 -2.61 -10.88
CA MET F 294 -6.43 -3.42 -11.95
C MET F 294 -5.41 -3.43 -13.11
N ASP F 295 -5.26 -4.60 -13.71
CA ASP F 295 -4.34 -4.65 -14.89
C ASP F 295 -5.09 -3.81 -15.95
N THR F 296 -4.30 -3.05 -16.70
CA THR F 296 -4.99 -2.24 -17.73
C THR F 296 -5.13 -3.14 -18.96
N ILE F 297 -6.27 -2.93 -19.61
CA ILE F 297 -6.60 -3.70 -20.80
C ILE F 297 -6.14 -2.87 -22.01
N VAL F 298 -5.49 -3.53 -22.95
CA VAL F 298 -5.02 -2.85 -24.17
C VAL F 298 -5.73 -3.46 -25.37
N ILE F 299 -6.35 -2.64 -26.17
CA ILE F 299 -7.06 -3.10 -27.38
C ILE F 299 -6.44 -2.34 -28.55
N ARG F 300 -6.11 -3.05 -29.60
CA ARG F 300 -5.52 -2.33 -30.74
C ARG F 300 -6.43 -2.58 -31.93
N VAL F 301 -7.05 -1.55 -32.44
CA VAL F 301 -7.90 -1.79 -33.62
C VAL F 301 -6.96 -1.52 -34.80
N SER F 302 -7.07 -2.34 -35.81
CA SER F 302 -6.22 -2.18 -37.00
C SER F 302 -7.01 -2.27 -38.29
N ALA F 303 -7.24 -1.09 -38.84
CA ALA F 303 -7.98 -0.95 -40.09
C ALA F 303 -7.09 -0.58 -41.26
N PRO F 304 -6.97 -1.47 -42.26
CA PRO F 304 -6.20 -1.19 -43.46
C PRO F 304 -6.84 -0.04 -44.21
N THR F 305 -6.17 0.42 -45.27
CA THR F 305 -6.70 1.57 -46.06
C THR F 305 -7.91 1.12 -46.87
N GLY F 306 -8.89 2.02 -46.84
CA GLY F 306 -10.17 1.83 -47.52
C GLY F 306 -11.17 1.13 -46.59
N ALA F 307 -10.80 1.03 -45.33
CA ALA F 307 -11.67 0.38 -44.32
C ALA F 307 -12.70 1.38 -43.79
N VAL F 308 -13.87 0.86 -43.45
CA VAL F 308 -14.90 1.74 -42.82
C VAL F 308 -15.28 1.04 -41.52
N ASN F 309 -14.44 1.33 -40.52
CA ASN F 309 -14.60 0.72 -39.20
C ASN F 309 -15.11 1.73 -38.16
N SER F 310 -16.29 1.41 -37.68
CA SER F 310 -16.92 2.23 -36.62
C SER F 310 -17.56 1.25 -35.67
N ALA F 311 -17.56 1.56 -34.40
CA ALA F 311 -18.18 0.68 -33.38
C ALA F 311 -18.76 1.55 -32.26
N ILE F 312 -19.51 0.87 -31.40
CA ILE F 312 -20.08 1.51 -30.22
C ILE F 312 -19.16 0.97 -29.07
N LEU F 313 -18.50 1.85 -28.37
CA LEU F 313 -17.63 1.47 -27.27
C LEU F 313 -18.42 1.69 -25.99
N LYS F 314 -18.43 0.68 -25.16
CA LYS F 314 -19.17 0.75 -23.86
C LYS F 314 -18.22 0.24 -22.81
N THR F 315 -18.06 0.97 -21.75
CA THR F 315 -17.18 0.49 -20.68
C THR F 315 -17.85 0.75 -19.33
N TRP F 316 -17.68 -0.25 -18.52
CA TRP F 316 -18.21 -0.31 -17.16
C TRP F 316 -17.06 -0.48 -16.16
N ALA F 317 -17.21 0.21 -15.06
CA ALA F 317 -16.27 0.16 -13.95
C ALA F 317 -17.11 0.51 -12.71
N CYS F 318 -17.04 -0.40 -11.78
CA CYS F 318 -17.71 -0.26 -10.47
C CYS F 318 -16.64 0.06 -9.42
N LEU F 319 -16.78 1.24 -8.83
CA LEU F 319 -15.86 1.71 -7.77
C LEU F 319 -16.59 1.83 -6.44
N GLU F 320 -15.81 1.66 -5.41
CA GLU F 320 -16.23 1.87 -4.02
C GLU F 320 -15.38 3.06 -3.56
N TYR F 321 -16.03 4.14 -3.24
CA TYR F 321 -15.42 5.38 -2.81
C TYR F 321 -15.65 5.70 -1.34
N ARG F 322 -14.77 6.50 -0.80
CA ARG F 322 -14.92 6.97 0.61
C ARG F 322 -15.46 8.39 0.45
N PRO F 323 -16.72 8.55 0.83
CA PRO F 323 -17.40 9.85 0.70
C PRO F 323 -17.09 10.74 1.88
N ASN F 324 -17.01 12.01 1.61
CA ASN F 324 -16.77 13.08 2.55
C ASN F 324 -18.10 13.68 3.08
N PRO F 325 -18.17 13.83 4.39
CA PRO F 325 -19.32 14.37 5.09
C PRO F 325 -19.87 15.64 4.47
N ASN F 326 -18.97 16.38 3.82
CA ASN F 326 -19.35 17.66 3.18
C ASN F 326 -19.93 17.46 1.77
N ALA F 327 -19.65 16.32 1.17
CA ALA F 327 -20.13 16.04 -0.20
C ALA F 327 -21.58 15.57 -0.16
N MET F 328 -22.33 15.85 -1.22
CA MET F 328 -23.73 15.46 -1.29
C MET F 328 -23.87 13.96 -1.54
N LEU F 329 -22.91 13.37 -2.23
CA LEU F 329 -22.97 11.91 -2.53
C LEU F 329 -22.98 11.16 -1.20
N TYR F 330 -22.46 11.85 -0.20
CA TYR F 330 -22.42 11.24 1.14
C TYR F 330 -23.81 10.67 1.48
N GLN F 331 -24.77 11.33 0.90
CA GLN F 331 -26.18 10.99 1.10
C GLN F 331 -26.41 9.53 0.73
N PHE F 332 -25.89 9.12 -0.39
CA PHE F 332 -26.08 7.77 -0.95
C PHE F 332 -25.18 6.69 -0.41
N GLY F 333 -24.37 7.04 0.56
CA GLY F 333 -23.44 6.10 1.17
C GLY F 333 -24.15 4.97 1.91
N HIS F 334 -23.46 3.86 1.94
CA HIS F 334 -23.86 2.60 2.59
C HIS F 334 -22.62 1.90 3.12
N ASP F 335 -22.76 0.78 3.80
CA ASP F 335 -21.57 0.08 4.33
C ASP F 335 -21.13 -0.94 3.27
N SER F 336 -19.84 -1.12 3.14
CA SER F 336 -19.33 -2.16 2.19
C SER F 336 -19.86 -3.48 2.77
N PRO F 337 -20.32 -4.35 1.92
CA PRO F 337 -20.84 -5.66 2.36
C PRO F 337 -19.73 -6.43 3.09
N PRO F 338 -20.19 -7.34 3.95
CA PRO F 338 -19.34 -8.20 4.75
C PRO F 338 -18.67 -9.33 3.99
N CYS F 339 -17.61 -9.83 4.60
CA CYS F 339 -16.81 -10.92 4.04
C CYS F 339 -17.65 -12.09 3.55
N ASP F 340 -17.45 -12.38 2.28
CA ASP F 340 -18.06 -13.51 1.58
C ASP F 340 -16.85 -14.28 1.02
N GLU F 341 -16.30 -15.12 1.90
CA GLU F 341 -15.13 -15.93 1.56
C GLU F 341 -15.33 -16.73 0.28
N VAL F 342 -16.55 -17.16 0.03
CA VAL F 342 -16.82 -17.95 -1.18
C VAL F 342 -16.87 -17.05 -2.42
N ALA F 343 -17.42 -15.86 -2.26
CA ALA F 343 -17.48 -14.91 -3.38
C ALA F 343 -16.06 -14.50 -3.78
N LEU F 344 -15.24 -14.36 -2.75
CA LEU F 344 -13.84 -13.91 -2.87
C LEU F 344 -12.94 -14.97 -3.54
N GLN F 345 -13.16 -16.25 -3.24
CA GLN F 345 -12.31 -17.30 -3.85
C GLN F 345 -12.80 -17.65 -5.26
N GLU F 346 -14.11 -17.69 -5.40
CA GLU F 346 -14.76 -18.01 -6.69
C GLU F 346 -14.37 -16.97 -7.74
N TYR F 347 -14.25 -15.76 -7.25
CA TYR F 347 -13.86 -14.58 -8.04
C TYR F 347 -12.50 -14.84 -8.68
N ARG F 348 -11.63 -15.38 -7.83
CA ARG F 348 -10.24 -15.67 -8.25
C ARG F 348 -10.18 -16.78 -9.29
N THR F 349 -10.95 -17.83 -9.11
CA THR F 349 -10.98 -18.99 -9.98
C THR F 349 -11.70 -18.73 -11.31
N VAL F 350 -12.80 -18.02 -11.25
CA VAL F 350 -13.57 -17.71 -12.46
C VAL F 350 -12.73 -16.91 -13.46
N ALA F 351 -12.07 -15.90 -12.92
CA ALA F 351 -11.23 -14.98 -13.71
C ALA F 351 -10.10 -15.73 -14.42
N ARG F 352 -9.66 -16.80 -13.79
CA ARG F 352 -8.53 -17.61 -14.30
C ARG F 352 -9.01 -18.66 -15.31
N SER F 353 -10.32 -18.82 -15.40
CA SER F 353 -10.92 -19.81 -16.31
C SER F 353 -11.52 -19.16 -17.55
N LEU F 354 -11.43 -17.84 -17.61
CA LEU F 354 -12.02 -17.06 -18.72
C LEU F 354 -10.96 -16.64 -19.74
N PRO F 355 -11.30 -16.71 -21.04
CA PRO F 355 -10.41 -16.29 -22.10
C PRO F 355 -10.10 -14.82 -21.93
N VAL F 356 -8.88 -14.44 -22.29
CA VAL F 356 -8.42 -13.03 -22.16
C VAL F 356 -9.47 -12.06 -22.72
N ALA F 357 -10.16 -12.54 -23.74
CA ALA F 357 -11.21 -11.75 -24.41
C ALA F 357 -12.20 -12.69 -25.08
N VAL F 358 -13.37 -12.14 -25.31
CA VAL F 358 -14.47 -12.87 -25.94
C VAL F 358 -15.17 -11.94 -26.94
N ILE F 359 -15.75 -12.53 -27.96
CA ILE F 359 -16.47 -11.75 -28.98
C ILE F 359 -17.76 -11.23 -28.35
N ALA F 360 -18.23 -10.14 -28.93
CA ALA F 360 -19.45 -9.46 -28.45
C ALA F 360 -20.59 -10.46 -28.22
N ALA F 361 -21.07 -10.99 -29.32
CA ALA F 361 -22.18 -11.94 -29.36
C ALA F 361 -22.23 -12.82 -28.10
N GLN F 362 -21.07 -13.07 -27.54
CA GLN F 362 -20.93 -13.93 -26.35
C GLN F 362 -20.75 -13.14 -25.07
N ASN F 363 -21.32 -11.96 -24.97
CA ASN F 363 -21.05 -11.17 -23.76
C ASN F 363 -21.92 -11.40 -22.81
N ALA G 1 -23.47 -17.91 -26.37
CA ALA G 1 -24.17 -17.41 -25.17
C ALA G 1 -23.32 -16.54 -24.26
N SER G 2 -24.11 -15.85 -23.48
CA SER G 2 -23.71 -14.87 -22.48
C SER G 2 -22.50 -15.33 -21.65
N MET G 3 -21.93 -14.27 -21.09
CA MET G 3 -20.75 -14.30 -20.22
C MET G 3 -21.15 -14.80 -18.83
N TRP G 4 -22.30 -14.33 -18.39
CA TRP G 4 -22.85 -14.71 -17.07
C TRP G 4 -23.24 -16.19 -17.05
N GLU G 5 -23.75 -16.63 -18.18
CA GLU G 5 -24.18 -18.02 -18.34
C GLU G 5 -22.99 -18.95 -18.11
N ARG G 6 -21.87 -18.55 -18.70
CA ARG G 6 -20.61 -19.30 -18.62
C ARG G 6 -20.03 -19.21 -17.21
N VAL G 7 -20.08 -18.01 -16.66
CA VAL G 7 -19.56 -17.72 -15.31
C VAL G 7 -20.35 -18.52 -14.26
N LYS G 8 -21.64 -18.60 -14.49
CA LYS G 8 -22.57 -19.31 -13.60
C LYS G 8 -22.22 -20.80 -13.55
N SER G 9 -22.00 -21.35 -14.73
CA SER G 9 -21.67 -22.77 -14.89
C SER G 9 -20.34 -23.09 -14.22
N ILE G 10 -19.38 -22.19 -14.42
CA ILE G 10 -18.03 -22.34 -13.86
C ILE G 10 -18.10 -22.40 -12.34
N ILE G 11 -18.83 -21.44 -11.78
CA ILE G 11 -19.01 -21.31 -10.33
C ILE G 11 -19.60 -22.60 -9.74
N LYS G 12 -20.61 -23.09 -10.44
CA LYS G 12 -21.32 -24.32 -10.04
C LYS G 12 -20.36 -25.51 -9.98
N SER G 13 -19.58 -25.63 -11.03
CA SER G 13 -18.60 -26.72 -11.20
C SER G 13 -17.55 -26.72 -10.08
N SER G 14 -17.11 -25.52 -9.75
CA SER G 14 -16.05 -25.32 -8.74
C SER G 14 -16.60 -25.55 -7.32
N LEU G 15 -17.87 -25.29 -7.15
CA LEU G 15 -18.54 -25.41 -5.85
C LEU G 15 -18.91 -26.85 -5.52
N ALA G 16 -19.00 -27.68 -6.55
CA ALA G 16 -19.39 -29.08 -6.38
C ALA G 16 -18.31 -30.02 -6.77
#